data_1ZGS
#
_entry.id   1ZGS
#
_cell.length_a   80.239
_cell.length_b   114.177
_cell.length_c   80.304
_cell.angle_alpha   90.00
_cell.angle_beta   119.88
_cell.angle_gamma   90.00
#
_symmetry.space_group_name_H-M   'P 1 21 1'
#
loop_
_entity.id
_entity.type
_entity.pdbx_description
1 polymer 'Mannose/glucose-specific lectin'
2 non-polymer '5-bromo-4-chloro-1H-indol-3-yl alpha-D-mannopyranoside'
3 water water
#
_entity_poly.entity_id   1
_entity_poly.type   'polypeptide(L)'
_entity_poly.pdbx_seq_one_letter_code
;SLKGMISVGPWGGSGGNYWSFKANHAITEIVIHVKDNIKSISFKDASGDISGTFGGKDPRENEKGDEKKIKIHWPTEYLK
SISGSYGDYNGVLVIRSLSFITNLTTYGPFGSTSGGESFSIPIADSVVVGFHGRAGYYLDALGIFVQPVPHGTISFGPWG
GPAGDDAFNFKVGSWIKDIIIYADAAINSIAFKDANGHCYGKFGGQDPNDIGVEKKVEIDGNLEHLKSISGTYGNYKGFE
VVTSLSFITNVTKHGPFGIASGTSFSIPIEGSLVTGFHGKSGYYLDSIGIYVKPRDVEGSISIGPWGGSGGDPWSYTANE
GINQIIIYAGSNIKSVAFKDTSGLDSATFGGVNPKDTGEKNTVSINWPSEYLTSISGTYGQYKFKDVFTTITSLSFTTNL
ATYGPFGKASATSFSIPIHNNMVVGFHGRAGDYLDAIGIFVKPDTAV
;
_entity_poly.pdbx_strand_id   A,B
#
# COMPACT_ATOMS: atom_id res chain seq x y z
N LYS A 3 5.74 -0.85 -4.51
CA LYS A 3 4.77 -1.96 -4.79
C LYS A 3 4.10 -2.11 -6.18
N GLY A 4 3.45 -1.45 -6.93
CA GLY A 4 2.84 -1.42 -8.27
C GLY A 4 3.66 -2.27 -9.25
N MET A 5 2.94 -3.05 -10.05
CA MET A 5 3.57 -4.00 -10.99
C MET A 5 2.65 -4.07 -12.18
N ILE A 6 3.20 -4.46 -13.31
CA ILE A 6 2.40 -4.60 -14.50
C ILE A 6 2.07 -6.08 -14.72
N SER A 7 0.82 -6.33 -15.10
CA SER A 7 0.37 -7.67 -15.42
C SER A 7 0.51 -7.94 -16.92
N VAL A 8 1.17 -9.05 -17.29
CA VAL A 8 1.24 -9.45 -18.71
C VAL A 8 0.54 -10.79 -18.94
N GLY A 9 -0.24 -10.91 -20.01
CA GLY A 9 -1.04 -12.12 -20.21
C GLY A 9 -2.39 -12.05 -19.52
N PRO A 10 -2.93 -13.20 -19.11
CA PRO A 10 -2.27 -14.49 -19.26
C PRO A 10 -2.55 -15.08 -20.65
N TRP A 11 -1.90 -16.20 -20.95
CA TRP A 11 -2.13 -16.92 -22.19
C TRP A 11 -2.71 -18.26 -21.84
N GLY A 12 -3.62 -18.73 -22.69
CA GLY A 12 -4.26 -20.02 -22.49
C GLY A 12 -5.75 -19.90 -22.55
N GLY A 13 -6.46 -20.81 -21.90
CA GLY A 13 -7.89 -20.92 -22.08
C GLY A 13 -8.54 -20.16 -20.96
N SER A 14 -9.85 -20.18 -20.94
CA SER A 14 -10.59 -19.30 -20.08
C SER A 14 -11.27 -20.09 -18.97
N GLY A 15 -11.05 -21.41 -18.96
CA GLY A 15 -11.55 -22.25 -17.87
C GLY A 15 -10.76 -22.08 -16.58
N GLY A 16 -11.13 -22.85 -15.56
CA GLY A 16 -10.46 -22.80 -14.25
C GLY A 16 -10.83 -21.57 -13.44
N ASN A 17 -10.15 -21.42 -12.32
CA ASN A 17 -10.33 -20.32 -11.41
C ASN A 17 -9.11 -19.39 -11.44
N TYR A 18 -9.35 -18.09 -11.37
CA TYR A 18 -8.28 -17.10 -11.31
C TYR A 18 -7.42 -17.31 -10.07
N TRP A 19 -6.12 -17.16 -10.23
CA TRP A 19 -5.20 -17.17 -9.11
C TRP A 19 -4.07 -16.18 -9.42
N SER A 20 -3.39 -15.70 -8.37
CA SER A 20 -2.15 -14.94 -8.54
C SER A 20 -1.19 -15.16 -7.42
N PHE A 21 0.09 -15.03 -7.72
CA PHE A 21 1.09 -15.07 -6.66
C PHE A 21 2.10 -13.94 -6.82
N LYS A 22 2.21 -13.11 -5.80
CA LYS A 22 3.14 -11.98 -5.77
C LYS A 22 4.21 -12.26 -4.74
N ALA A 23 5.40 -12.59 -5.22
CA ALA A 23 6.50 -13.00 -4.37
C ALA A 23 6.99 -11.88 -3.44
N ASN A 24 7.26 -12.25 -2.19
CA ASN A 24 7.79 -11.30 -1.24
C ASN A 24 9.28 -11.13 -1.34
N HIS A 25 9.93 -12.05 -2.04
CA HIS A 25 11.36 -11.97 -2.26
C HIS A 25 11.54 -12.51 -3.67
N ALA A 26 12.70 -12.28 -4.29
CA ALA A 26 12.96 -12.83 -5.63
C ALA A 26 12.51 -14.30 -5.74
N ILE A 27 11.92 -14.62 -6.90
CA ILE A 27 11.52 -15.98 -7.25
C ILE A 27 12.75 -16.78 -7.64
N THR A 28 12.98 -17.87 -6.91
CA THR A 28 14.19 -18.67 -7.07
C THR A 28 13.91 -20.09 -7.53
N GLU A 29 12.66 -20.53 -7.49
CA GLU A 29 12.36 -21.87 -7.97
C GLU A 29 10.97 -21.91 -8.60
N ILE A 30 10.83 -22.63 -9.72
CA ILE A 30 9.53 -22.98 -10.28
C ILE A 30 9.37 -24.51 -10.34
N VAL A 31 8.30 -25.03 -9.75
CA VAL A 31 8.03 -26.44 -9.74
C VAL A 31 6.82 -26.64 -10.62
N ILE A 32 6.97 -27.57 -11.58
CA ILE A 32 5.93 -27.91 -12.50
C ILE A 32 5.74 -29.42 -12.60
N HIS A 33 4.50 -29.82 -12.82
CA HIS A 33 4.17 -31.23 -13.07
C HIS A 33 3.75 -31.30 -14.51
N VAL A 34 4.52 -32.06 -15.22
CA VAL A 34 4.36 -32.08 -16.64
C VAL A 34 4.37 -33.46 -17.33
N LYS A 35 3.56 -33.64 -18.39
CA LYS A 35 3.50 -34.90 -19.22
C LYS A 35 3.35 -34.50 -20.71
N ASP A 36 2.14 -34.08 -21.09
CA ASP A 36 1.88 -33.57 -22.44
C ASP A 36 1.54 -32.08 -22.36
N ASN A 37 0.91 -31.70 -21.26
CA ASN A 37 0.51 -30.37 -20.93
C ASN A 37 1.03 -30.08 -19.51
N ILE A 38 0.80 -28.86 -19.01
CA ILE A 38 1.24 -28.49 -17.65
C ILE A 38 0.11 -28.78 -16.67
N LYS A 39 0.29 -29.80 -15.85
CA LYS A 39 -0.75 -30.20 -14.92
C LYS A 39 -0.89 -29.17 -13.83
N SER A 40 0.25 -28.60 -13.43
CA SER A 40 0.29 -27.77 -12.26
C SER A 40 1.59 -26.95 -12.12
N ILE A 41 1.54 -25.90 -11.30
CA ILE A 41 2.72 -25.06 -11.07
C ILE A 41 2.71 -24.49 -9.65
N SER A 42 3.91 -24.31 -9.09
CA SER A 42 4.06 -23.56 -7.85
C SER A 42 5.43 -22.88 -7.87
N PHE A 43 5.68 -22.01 -6.88
CA PHE A 43 6.92 -21.20 -6.85
C PHE A 43 7.54 -21.14 -5.48
N LYS A 44 8.83 -20.80 -5.45
CA LYS A 44 9.52 -20.58 -4.18
C LYS A 44 10.41 -19.33 -4.29
N ASP A 45 10.48 -18.54 -3.21
CA ASP A 45 11.31 -17.35 -3.23
C ASP A 45 12.62 -17.49 -2.44
N ALA A 46 13.46 -16.45 -2.54
CA ALA A 46 14.81 -16.45 -1.93
C ALA A 46 14.87 -16.79 -0.45
N SER A 47 13.79 -16.54 0.27
CA SER A 47 13.83 -16.89 1.68
C SER A 47 13.02 -18.16 2.04
N GLY A 48 12.71 -19.00 1.06
CA GLY A 48 11.98 -20.24 1.35
C GLY A 48 10.46 -20.19 1.32
N ASP A 49 9.88 -19.02 1.08
CA ASP A 49 8.43 -18.91 1.00
C ASP A 49 7.97 -19.62 -0.23
N ILE A 50 6.84 -20.31 -0.12
CA ILE A 50 6.28 -20.96 -1.26
C ILE A 50 4.91 -20.38 -1.59
N SER A 51 4.52 -20.48 -2.85
CA SER A 51 3.16 -20.18 -3.27
C SER A 51 2.37 -21.47 -3.05
N GLY A 52 1.06 -21.45 -3.07
CA GLY A 52 0.46 -22.81 -3.18
C GLY A 52 0.76 -23.49 -4.53
N THR A 53 0.30 -24.74 -4.69
CA THR A 53 0.31 -25.43 -6.01
C THR A 53 -0.93 -25.01 -6.84
N PHE A 54 -0.73 -24.50 -8.05
CA PHE A 54 -1.88 -24.15 -8.89
C PHE A 54 -2.11 -25.23 -9.93
N GLY A 55 -3.32 -25.76 -9.94
CA GLY A 55 -3.69 -26.85 -10.81
C GLY A 55 -3.42 -28.18 -10.13
N GLY A 56 -3.27 -29.23 -10.95
CA GLY A 56 -2.99 -30.58 -10.45
C GLY A 56 -4.14 -31.20 -9.66
N LYS A 57 -5.38 -30.95 -10.06
CA LYS A 57 -6.50 -31.47 -9.27
C LYS A 57 -7.15 -32.66 -9.93
N ASP A 58 -6.54 -33.22 -10.97
CA ASP A 58 -7.09 -34.40 -11.58
C ASP A 58 -7.03 -35.53 -10.55
N PRO A 59 -8.18 -36.12 -10.19
CA PRO A 59 -8.18 -37.32 -9.32
C PRO A 59 -7.44 -38.50 -9.92
N ARG A 60 -7.45 -38.61 -11.25
CA ARG A 60 -6.81 -39.74 -11.95
C ARG A 60 -5.30 -39.72 -11.79
N GLU A 61 -4.77 -40.74 -11.13
CA GLU A 61 -3.36 -40.83 -10.78
C GLU A 61 -2.50 -40.94 -12.03
N ASN A 62 -3.01 -41.40 -13.16
CA ASN A 62 -2.20 -41.40 -14.38
C ASN A 62 -2.12 -39.96 -14.98
N GLU A 63 -2.59 -38.98 -14.20
CA GLU A 63 -2.69 -37.58 -14.64
C GLU A 63 -1.89 -36.59 -13.76
N LYS A 64 -1.25 -37.13 -12.71
CA LYS A 64 -0.37 -36.37 -11.81
C LYS A 64 0.79 -35.66 -12.56
N GLY A 65 1.38 -36.32 -13.56
CA GLY A 65 2.48 -35.73 -14.36
C GLY A 65 3.84 -35.78 -13.67
N ASP A 66 4.93 -35.71 -14.44
CA ASP A 66 6.29 -35.74 -13.85
C ASP A 66 6.74 -34.39 -13.28
N GLU A 67 7.45 -34.43 -12.16
CA GLU A 67 7.94 -33.20 -11.54
C GLU A 67 9.26 -32.67 -12.10
N LYS A 68 9.28 -31.39 -12.45
CA LYS A 68 10.51 -30.71 -12.84
C LYS A 68 10.73 -29.46 -12.02
N LYS A 69 11.97 -29.28 -11.58
CA LYS A 69 12.32 -28.15 -10.74
C LYS A 69 13.25 -27.21 -11.51
N ILE A 70 12.77 -26.01 -11.78
CA ILE A 70 13.62 -24.99 -12.39
C ILE A 70 14.19 -24.06 -11.29
N LYS A 71 15.50 -24.05 -11.17
CA LYS A 71 16.22 -23.27 -10.17
C LYS A 71 16.75 -22.02 -10.78
N ILE A 72 16.58 -20.90 -10.09
CA ILE A 72 17.04 -19.62 -10.58
C ILE A 72 18.24 -19.29 -9.71
N HIS A 73 19.41 -19.17 -10.31
CA HIS A 73 20.68 -18.97 -9.57
C HIS A 73 20.84 -17.54 -9.04
N TRP A 74 19.89 -17.15 -8.20
CA TRP A 74 19.85 -15.87 -7.51
C TRP A 74 21.05 -15.73 -6.56
N PRO A 75 21.67 -14.56 -6.41
CA PRO A 75 21.21 -13.27 -6.95
C PRO A 75 21.81 -12.88 -8.27
N THR A 76 22.80 -13.64 -8.81
CA THR A 76 23.41 -13.31 -10.11
C THR A 76 22.46 -13.58 -11.29
N GLU A 77 21.50 -14.51 -11.17
CA GLU A 77 20.51 -14.80 -12.20
C GLU A 77 19.15 -14.37 -11.67
N TYR A 78 18.33 -13.72 -12.50
CA TYR A 78 16.96 -13.37 -12.07
C TYR A 78 15.98 -13.64 -13.20
N LEU A 79 14.73 -13.93 -12.84
CA LEU A 79 13.70 -14.14 -13.85
C LEU A 79 13.27 -12.83 -14.48
N LYS A 80 13.23 -12.83 -15.80
CA LYS A 80 12.81 -11.66 -16.52
C LYS A 80 11.53 -11.85 -17.37
N SER A 81 11.33 -13.04 -17.92
CA SER A 81 10.18 -13.23 -18.82
C SER A 81 9.82 -14.71 -18.93
N ILE A 82 8.78 -15.05 -19.69
CA ILE A 82 8.46 -16.45 -20.01
C ILE A 82 8.10 -16.57 -21.50
N SER A 83 7.94 -17.80 -21.97
CA SER A 83 7.28 -18.09 -23.26
C SER A 83 6.64 -19.46 -23.09
N GLY A 84 5.93 -19.91 -24.11
CA GLY A 84 5.41 -21.28 -24.11
C GLY A 84 4.29 -21.41 -25.11
N SER A 85 3.37 -22.33 -24.87
CA SER A 85 2.32 -22.55 -25.82
C SER A 85 1.09 -23.06 -25.14
N TYR A 86 -0.05 -22.72 -25.72
CA TYR A 86 -1.31 -23.24 -25.26
C TYR A 86 -2.01 -23.91 -26.44
N GLY A 87 -2.82 -24.92 -26.12
CA GLY A 87 -3.69 -25.53 -27.07
C GLY A 87 -4.50 -26.59 -26.36
N ASP A 88 -5.17 -27.40 -27.16
CA ASP A 88 -6.10 -28.39 -26.66
C ASP A 88 -5.46 -29.59 -25.96
N TYR A 89 -6.12 -30.06 -24.92
CA TYR A 89 -5.71 -31.25 -24.20
C TYR A 89 -6.91 -31.87 -23.52
N ASN A 90 -7.27 -33.09 -23.94
CA ASN A 90 -8.52 -33.76 -23.51
C ASN A 90 -9.72 -32.83 -23.71
N GLY A 91 -9.76 -32.03 -24.78
CA GLY A 91 -10.88 -31.10 -25.00
C GLY A 91 -10.92 -29.78 -24.21
N VAL A 92 -9.82 -29.44 -23.55
CA VAL A 92 -9.70 -28.19 -22.79
C VAL A 92 -8.53 -27.33 -23.28
N LEU A 93 -8.80 -26.04 -23.50
CA LEU A 93 -7.76 -25.08 -23.91
C LEU A 93 -6.91 -24.78 -22.69
N VAL A 94 -5.62 -25.09 -22.78
CA VAL A 94 -4.76 -25.22 -21.63
C VAL A 94 -3.29 -24.92 -22.01
N ILE A 95 -2.46 -24.53 -21.02
CA ILE A 95 -1.04 -24.33 -21.26
C ILE A 95 -0.43 -25.71 -21.54
N ARG A 96 0.33 -25.82 -22.63
CA ARG A 96 0.96 -27.08 -23.02
C ARG A 96 2.46 -27.09 -22.82
N SER A 97 3.12 -25.99 -23.19
CA SER A 97 4.55 -25.90 -22.93
C SER A 97 4.92 -24.56 -22.28
N LEU A 98 6.05 -24.52 -21.59
CA LEU A 98 6.53 -23.32 -20.91
C LEU A 98 8.07 -23.25 -20.90
N SER A 99 8.56 -22.03 -21.04
CA SER A 99 9.98 -21.71 -20.87
C SER A 99 10.11 -20.55 -19.90
N PHE A 100 11.24 -20.49 -19.20
CA PHE A 100 11.49 -19.44 -18.22
C PHE A 100 12.77 -18.70 -18.61
N ILE A 101 12.61 -17.41 -18.90
CA ILE A 101 13.68 -16.62 -19.46
C ILE A 101 14.33 -15.75 -18.37
N THR A 102 15.63 -15.83 -18.33
CA THR A 102 16.37 -15.28 -17.26
C THR A 102 17.33 -14.32 -17.94
N ASN A 103 18.12 -13.56 -17.17
CA ASN A 103 19.12 -12.70 -17.82
C ASN A 103 20.28 -13.52 -18.41
N LEU A 104 20.36 -14.78 -18.03
CA LEU A 104 21.53 -15.60 -18.38
C LEU A 104 21.24 -16.74 -19.39
N THR A 105 20.01 -17.21 -19.40
CA THR A 105 19.66 -18.39 -20.16
C THR A 105 18.13 -18.58 -20.16
N THR A 106 17.68 -19.59 -20.91
CA THR A 106 16.29 -20.00 -20.96
C THR A 106 16.21 -21.42 -20.46
N TYR A 107 15.29 -21.69 -19.55
CA TYR A 107 15.00 -23.06 -19.11
C TYR A 107 13.73 -23.54 -19.79
N GLY A 108 13.85 -24.65 -20.52
CA GLY A 108 12.72 -25.24 -21.24
C GLY A 108 13.10 -25.44 -22.67
N PRO A 109 12.15 -25.79 -23.52
CA PRO A 109 10.72 -25.90 -23.19
C PRO A 109 10.38 -27.14 -22.42
N PHE A 110 9.36 -27.05 -21.60
CA PHE A 110 8.86 -28.17 -20.86
C PHE A 110 7.45 -28.36 -21.31
N GLY A 111 7.05 -29.63 -21.46
CA GLY A 111 5.76 -29.96 -22.04
C GLY A 111 5.84 -30.15 -23.53
N SER A 112 4.70 -30.48 -24.14
CA SER A 112 4.67 -30.77 -25.57
C SER A 112 4.73 -29.49 -26.42
N THR A 113 5.55 -29.53 -27.49
CA THR A 113 5.64 -28.39 -28.39
C THR A 113 4.97 -28.66 -29.69
N SER A 114 3.86 -29.38 -29.65
CA SER A 114 3.07 -29.61 -30.82
C SER A 114 1.57 -29.45 -30.60
N GLY A 115 0.88 -28.83 -31.53
CA GLY A 115 -0.59 -28.76 -31.45
C GLY A 115 -1.04 -27.67 -30.53
N GLY A 116 -0.28 -26.59 -30.65
CA GLY A 116 -0.51 -25.42 -29.89
C GLY A 116 -0.57 -24.18 -30.74
N GLU A 117 -0.16 -23.21 -30.06
CA GLU A 117 -0.13 -21.88 -30.47
C GLU A 117 0.79 -21.30 -29.49
N SER A 118 1.93 -20.82 -29.94
CA SER A 118 2.87 -20.29 -29.00
C SER A 118 2.69 -18.80 -28.75
N PHE A 119 3.21 -18.37 -27.62
CA PHE A 119 3.14 -16.98 -27.21
C PHE A 119 4.53 -16.63 -26.76
N SER A 120 4.89 -15.37 -26.91
CA SER A 120 6.19 -14.90 -26.44
C SER A 120 6.02 -13.42 -26.12
N ILE A 121 7.04 -12.81 -25.52
CA ILE A 121 6.89 -11.44 -25.01
C ILE A 121 8.09 -10.56 -25.36
N PRO A 122 7.85 -9.58 -26.21
CA PRO A 122 8.92 -8.70 -26.68
C PRO A 122 9.15 -7.66 -25.61
N ILE A 123 9.75 -8.12 -24.49
CA ILE A 123 9.94 -7.30 -23.29
C ILE A 123 11.41 -6.94 -23.04
N ALA A 124 11.61 -5.81 -22.35
CA ALA A 124 12.96 -5.36 -21.95
C ALA A 124 12.90 -4.66 -20.59
N ASP A 125 14.02 -4.74 -19.86
CA ASP A 125 14.17 -4.08 -18.55
C ASP A 125 13.18 -4.56 -17.48
N SER A 126 12.74 -5.86 -17.61
CA SER A 126 11.81 -6.37 -16.60
C SER A 126 12.43 -7.40 -15.69
N VAL A 127 11.76 -7.59 -14.54
CA VAL A 127 12.03 -8.62 -13.54
C VAL A 127 10.67 -9.19 -13.19
N VAL A 128 10.55 -10.51 -13.24
CA VAL A 128 9.28 -11.16 -12.89
C VAL A 128 9.16 -11.19 -11.35
N VAL A 129 8.13 -10.57 -10.81
CA VAL A 129 8.01 -10.52 -9.36
C VAL A 129 6.83 -11.34 -8.90
N GLY A 130 6.15 -11.98 -9.86
CA GLY A 130 5.05 -12.91 -9.57
C GLY A 130 4.35 -13.48 -10.79
N PHE A 131 3.33 -14.31 -10.53
CA PHE A 131 2.61 -15.01 -11.57
C PHE A 131 1.11 -14.91 -11.33
N HIS A 132 0.34 -15.10 -12.37
CA HIS A 132 -1.08 -15.28 -12.22
C HIS A 132 -1.54 -16.17 -13.34
N GLY A 133 -2.78 -16.66 -13.26
CA GLY A 133 -3.30 -17.48 -14.33
C GLY A 133 -4.63 -18.05 -13.92
N ARG A 134 -5.03 -19.13 -14.58
CA ARG A 134 -6.28 -19.81 -14.29
C ARG A 134 -5.89 -21.23 -14.07
N ALA A 135 -6.54 -21.88 -13.12
CA ALA A 135 -6.25 -23.28 -12.89
C ALA A 135 -7.46 -24.03 -12.43
N GLY A 136 -7.51 -25.31 -12.81
CA GLY A 136 -8.51 -26.26 -12.30
C GLY A 136 -7.81 -27.59 -12.08
N TYR A 137 -8.11 -28.58 -12.91
CA TYR A 137 -7.37 -29.82 -12.95
C TYR A 137 -5.96 -29.54 -13.41
N TYR A 138 -5.86 -28.68 -14.42
CA TYR A 138 -4.60 -28.38 -15.05
C TYR A 138 -4.33 -26.89 -14.97
N LEU A 139 -3.21 -26.46 -15.56
CA LEU A 139 -2.94 -25.05 -15.70
C LEU A 139 -3.59 -24.48 -16.96
N ASP A 140 -4.81 -23.93 -16.85
CA ASP A 140 -5.51 -23.45 -18.06
C ASP A 140 -4.79 -22.29 -18.69
N ALA A 141 -4.24 -21.39 -17.87
CA ALA A 141 -3.56 -20.19 -18.38
C ALA A 141 -2.53 -19.68 -17.41
N LEU A 142 -1.54 -18.97 -17.92
CA LEU A 142 -0.44 -18.43 -17.15
C LEU A 142 -0.08 -17.04 -17.70
N GLY A 143 0.20 -16.09 -16.79
CA GLY A 143 0.82 -14.82 -17.10
C GLY A 143 1.81 -14.38 -16.03
N ILE A 144 2.40 -13.20 -16.20
CA ILE A 144 3.40 -12.73 -15.23
C ILE A 144 3.11 -11.35 -14.67
N PHE A 145 3.75 -11.07 -13.54
CA PHE A 145 3.76 -9.76 -12.96
C PHE A 145 5.21 -9.27 -13.09
N VAL A 146 5.37 -8.05 -13.65
CA VAL A 146 6.68 -7.47 -13.88
C VAL A 146 6.84 -6.09 -13.23
N GLN A 147 8.07 -5.75 -12.85
CA GLN A 147 8.49 -4.42 -12.44
C GLN A 147 9.76 -4.11 -13.23
N PRO A 148 10.14 -2.83 -13.34
CA PRO A 148 11.37 -2.48 -14.03
C PRO A 148 12.56 -2.93 -13.23
N VAL A 149 13.68 -3.23 -13.88
CA VAL A 149 14.98 -3.38 -13.20
C VAL A 149 15.36 -2.04 -12.56
N PRO A 150 16.26 -2.06 -11.57
CA PRO A 150 16.71 -0.79 -10.91
C PRO A 150 17.19 0.19 -11.99
N HIS A 151 16.74 1.45 -11.93
CA HIS A 151 17.10 2.47 -12.95
C HIS A 151 16.56 2.25 -14.36
N GLY A 152 15.63 1.32 -14.51
CA GLY A 152 15.11 1.08 -15.85
C GLY A 152 13.66 1.43 -16.03
N THR A 153 13.14 1.16 -17.22
CA THR A 153 11.74 1.34 -17.55
C THR A 153 11.31 0.15 -18.40
N ILE A 154 10.23 -0.52 -18.01
CA ILE A 154 9.75 -1.63 -18.80
C ILE A 154 9.41 -1.16 -20.22
N SER A 155 9.74 -2.01 -21.18
CA SER A 155 9.65 -1.67 -22.55
C SER A 155 9.02 -2.86 -23.28
N PHE A 156 8.09 -2.57 -24.20
CA PHE A 156 7.56 -3.59 -25.09
C PHE A 156 7.76 -3.19 -26.56
N GLY A 157 8.03 -4.19 -27.39
CA GLY A 157 8.28 -3.98 -28.82
C GLY A 157 9.73 -3.67 -29.04
N PRO A 158 10.08 -2.94 -30.10
CA PRO A 158 9.13 -2.38 -31.08
C PRO A 158 8.54 -3.42 -32.07
N TRP A 159 7.41 -3.09 -32.67
CA TRP A 159 6.85 -3.95 -33.70
C TRP A 159 7.00 -3.25 -35.07
N GLY A 160 7.13 -4.05 -36.13
CA GLY A 160 7.25 -3.50 -37.47
C GLY A 160 8.47 -3.97 -38.23
N GLY A 161 8.83 -3.22 -39.26
CA GLY A 161 9.92 -3.61 -40.12
C GLY A 161 11.26 -3.32 -39.47
N PRO A 162 12.34 -3.74 -40.12
CA PRO A 162 13.70 -3.59 -39.58
C PRO A 162 14.44 -2.31 -39.91
N ALA A 163 13.90 -1.47 -40.78
CA ALA A 163 14.67 -0.30 -41.22
C ALA A 163 14.19 1.02 -40.60
N GLY A 164 14.64 2.15 -41.14
CA GLY A 164 14.27 3.46 -40.65
C GLY A 164 15.51 4.21 -40.26
N ASP A 165 15.93 5.17 -41.06
CA ASP A 165 17.19 5.87 -40.78
C ASP A 165 17.18 6.72 -39.49
N ASP A 166 15.99 7.14 -39.02
CA ASP A 166 15.87 8.08 -37.89
C ASP A 166 15.30 7.35 -36.65
N ALA A 167 16.14 7.18 -35.64
CA ALA A 167 15.71 6.51 -34.41
C ALA A 167 14.97 7.55 -33.61
N PHE A 168 13.96 7.15 -32.86
CA PHE A 168 13.35 8.07 -31.90
C PHE A 168 13.12 7.34 -30.58
N ASN A 169 13.00 8.09 -29.50
CA ASN A 169 13.02 7.52 -28.16
C ASN A 169 12.76 8.59 -27.14
N PHE A 170 11.63 8.50 -26.41
CA PHE A 170 11.37 9.50 -25.37
C PHE A 170 10.49 8.95 -24.26
N LYS A 171 10.66 9.56 -23.10
CA LYS A 171 9.82 9.23 -21.96
C LYS A 171 9.29 10.52 -21.33
N VAL A 172 8.05 10.50 -20.85
CA VAL A 172 7.43 11.70 -20.28
C VAL A 172 7.33 11.65 -18.76
N GLY A 173 7.43 12.75 -18.14
CA GLY A 173 7.26 12.73 -16.68
C GLY A 173 5.85 13.08 -16.22
N SER A 174 4.92 13.23 -17.17
CA SER A 174 3.51 13.33 -16.80
C SER A 174 2.70 12.20 -17.45
N TRP A 175 2.03 12.51 -18.56
CA TRP A 175 1.24 11.52 -19.30
C TRP A 175 1.08 11.93 -20.76
N ILE A 176 0.71 10.95 -21.60
CA ILE A 176 0.40 11.21 -23.01
C ILE A 176 -1.03 11.70 -23.15
N LYS A 177 -1.19 12.90 -23.71
CA LYS A 177 -2.51 13.52 -23.87
C LYS A 177 -3.00 13.57 -25.33
N ASP A 178 -2.08 13.73 -26.27
CA ASP A 178 -2.44 13.81 -27.69
C ASP A 178 -1.56 12.95 -28.56
N ILE A 179 -2.20 12.24 -29.48
CA ILE A 179 -1.55 11.50 -30.53
C ILE A 179 -2.01 12.03 -31.88
N ILE A 180 -1.08 12.59 -32.63
CA ILE A 180 -1.34 13.09 -33.98
C ILE A 180 -0.78 12.12 -35.01
N ILE A 181 -1.67 11.49 -35.76
CA ILE A 181 -1.30 10.51 -36.80
C ILE A 181 -1.82 10.96 -38.15
N TYR A 182 -0.96 10.83 -39.17
CA TYR A 182 -1.34 11.02 -40.56
C TYR A 182 -1.36 9.65 -41.23
N ALA A 183 -2.56 9.23 -41.71
CA ALA A 183 -2.72 7.87 -42.28
C ALA A 183 -3.70 7.75 -43.47
N ASP A 184 -3.34 6.94 -44.47
CA ASP A 184 -4.23 6.47 -45.51
C ASP A 184 -4.43 4.97 -45.43
N ALA A 185 -3.46 4.26 -46.02
CA ALA A 185 -3.42 2.80 -45.97
C ALA A 185 -2.39 2.33 -44.94
N ALA A 186 -1.38 3.17 -44.71
CA ALA A 186 -0.35 2.91 -43.72
C ALA A 186 -0.13 4.12 -42.82
N ILE A 187 0.78 4.01 -41.87
CA ILE A 187 1.13 5.13 -41.00
C ILE A 187 2.30 5.91 -41.59
N ASN A 188 2.08 7.16 -41.99
CA ASN A 188 3.07 8.01 -42.59
C ASN A 188 3.93 8.65 -41.52
N SER A 189 3.26 9.15 -40.47
CA SER A 189 3.93 9.80 -39.35
C SER A 189 3.11 9.75 -38.04
N ILE A 190 3.80 10.01 -36.91
CA ILE A 190 3.17 10.06 -35.60
C ILE A 190 3.88 11.11 -34.75
N ALA A 191 3.12 11.76 -33.88
CA ALA A 191 3.64 12.78 -32.97
C ALA A 191 2.75 12.75 -31.70
N PHE A 192 3.22 13.31 -30.61
CA PHE A 192 2.56 13.14 -29.32
C PHE A 192 2.71 14.41 -28.53
N LYS A 193 1.73 14.70 -27.70
CA LYS A 193 1.85 15.82 -26.80
C LYS A 193 1.71 15.28 -25.36
N ASP A 194 2.59 15.76 -24.50
CA ASP A 194 2.49 15.70 -23.04
C ASP A 194 1.17 16.21 -22.51
N ALA A 195 0.91 15.99 -21.23
CA ALA A 195 -0.10 16.76 -20.52
C ALA A 195 0.35 18.20 -20.34
N ASN A 196 1.63 18.48 -20.50
CA ASN A 196 2.10 19.84 -20.36
C ASN A 196 2.03 20.58 -21.69
N GLY A 197 1.68 19.88 -22.77
CA GLY A 197 1.70 20.49 -24.10
C GLY A 197 3.00 20.33 -24.86
N HIS A 198 4.05 19.76 -24.24
CA HIS A 198 5.30 19.49 -24.97
C HIS A 198 5.05 18.49 -26.09
N CYS A 199 5.64 18.75 -27.26
CA CYS A 199 5.39 17.96 -28.48
C CYS A 199 6.59 17.06 -28.76
N TYR A 200 6.32 15.80 -29.10
CA TYR A 200 7.40 14.89 -29.44
C TYR A 200 7.29 14.51 -30.90
N GLY A 201 8.37 14.85 -31.61
CA GLY A 201 8.57 14.51 -33.00
C GLY A 201 7.89 15.26 -34.10
N LYS A 202 8.07 14.69 -35.25
CA LYS A 202 7.04 14.15 -36.08
C LYS A 202 8.00 12.96 -36.28
N PHE A 203 7.54 11.73 -36.16
CA PHE A 203 8.39 10.61 -36.51
C PHE A 203 7.80 10.03 -37.79
N GLY A 204 8.57 10.18 -38.88
CA GLY A 204 8.09 9.86 -40.22
C GLY A 204 7.63 11.08 -40.99
N GLY A 205 6.82 10.87 -42.03
CA GLY A 205 6.26 11.96 -42.82
C GLY A 205 7.28 12.72 -43.67
N GLN A 206 8.38 12.08 -44.02
CA GLN A 206 9.43 12.77 -44.77
C GLN A 206 9.19 12.74 -46.28
N ASP A 207 8.27 11.90 -46.75
CA ASP A 207 7.89 11.80 -48.19
C ASP A 207 7.04 12.96 -48.70
N PRO A 208 7.61 13.82 -49.57
CA PRO A 208 6.89 15.03 -50.03
C PRO A 208 5.64 14.72 -50.83
N ASN A 209 5.60 13.57 -51.49
CA ASN A 209 4.47 13.22 -52.39
C ASN A 209 3.43 12.29 -51.75
N ASP A 210 3.63 11.95 -50.48
CA ASP A 210 2.73 11.08 -49.74
C ASP A 210 2.81 11.37 -48.23
N ILE A 211 1.89 12.21 -47.72
CA ILE A 211 1.91 12.60 -46.31
C ILE A 211 0.79 11.99 -45.50
N GLY A 212 -0.25 11.51 -46.17
CA GLY A 212 -1.40 10.90 -45.49
C GLY A 212 -2.40 11.90 -44.93
N VAL A 213 -3.41 11.39 -44.24
CA VAL A 213 -4.49 12.22 -43.73
C VAL A 213 -4.30 12.31 -42.22
N GLU A 214 -4.48 13.50 -41.66
CA GLU A 214 -4.34 13.71 -40.23
C GLU A 214 -5.48 13.09 -39.46
N LYS A 215 -5.19 12.71 -38.22
CA LYS A 215 -6.18 12.27 -37.27
C LYS A 215 -5.60 12.51 -35.89
N LYS A 216 -6.46 12.90 -34.95
CA LYS A 216 -5.96 13.15 -33.62
C LYS A 216 -6.75 12.36 -32.61
N VAL A 217 -6.07 11.92 -31.56
CA VAL A 217 -6.69 11.28 -30.43
C VAL A 217 -6.43 12.20 -29.24
N GLU A 218 -7.47 12.61 -28.55
CA GLU A 218 -7.30 13.49 -27.39
C GLU A 218 -7.73 12.73 -26.12
N ILE A 219 -6.82 12.54 -25.19
CA ILE A 219 -7.12 11.73 -24.03
C ILE A 219 -7.41 12.68 -22.88
N ASP A 220 -8.54 12.47 -22.24
CA ASP A 220 -8.95 13.25 -21.07
C ASP A 220 -8.38 12.53 -19.83
N GLY A 221 -7.38 13.13 -19.18
CA GLY A 221 -6.81 12.57 -17.94
C GLY A 221 -7.75 12.34 -16.75
N ASN A 222 -8.93 12.96 -16.77
CA ASN A 222 -9.94 12.81 -15.71
C ASN A 222 -10.69 11.46 -15.79
N LEU A 223 -10.69 10.85 -16.97
CA LEU A 223 -11.45 9.62 -17.20
C LEU A 223 -10.61 8.45 -17.76
N GLU A 224 -9.49 8.77 -18.41
CA GLU A 224 -8.88 7.87 -19.36
C GLU A 224 -7.37 8.01 -19.30
N HIS A 225 -6.67 6.93 -19.62
CA HIS A 225 -5.22 6.96 -19.69
C HIS A 225 -4.69 5.87 -20.64
N LEU A 226 -3.65 6.18 -21.42
CA LEU A 226 -3.01 5.21 -22.31
C LEU A 226 -2.45 4.04 -21.51
N LYS A 227 -2.87 2.84 -21.87
CA LYS A 227 -2.55 1.58 -21.21
C LYS A 227 -1.64 0.77 -22.14
N SER A 228 -1.84 0.93 -23.45
CA SER A 228 -1.31 -0.02 -24.42
C SER A 228 -1.51 0.39 -25.90
N ILE A 229 -0.94 -0.40 -26.80
CA ILE A 229 -1.17 -0.25 -28.23
C ILE A 229 -1.32 -1.60 -28.93
N SER A 230 -1.86 -1.57 -30.14
CA SER A 230 -1.88 -2.74 -31.00
C SER A 230 -1.89 -2.22 -32.42
N GLY A 231 -1.76 -3.12 -33.37
CA GLY A 231 -1.86 -2.71 -34.75
C GLY A 231 -1.40 -3.76 -35.72
N THR A 232 -0.76 -3.28 -36.77
CA THR A 232 -0.46 -4.15 -37.88
C THR A 232 0.77 -3.57 -38.56
N TYR A 233 1.61 -4.44 -39.10
CA TYR A 233 2.73 -4.01 -39.94
C TYR A 233 2.90 -5.00 -41.09
N GLY A 234 3.48 -4.53 -42.19
CA GLY A 234 3.74 -5.38 -43.36
C GLY A 234 4.09 -4.48 -44.52
N ASN A 235 3.92 -4.96 -45.75
CA ASN A 235 4.44 -4.21 -46.91
C ASN A 235 3.68 -2.92 -47.28
N TYR A 236 4.46 -1.86 -47.54
CA TYR A 236 3.96 -0.59 -48.09
C TYR A 236 4.99 -0.08 -49.08
N LYS A 237 4.58 0.04 -50.35
CA LYS A 237 5.45 0.45 -51.45
C LYS A 237 6.86 -0.11 -51.37
N GLY A 238 6.98 -1.41 -51.08
CA GLY A 238 8.29 -2.06 -51.01
C GLY A 238 8.97 -2.03 -49.65
N PHE A 239 8.40 -1.30 -48.69
CA PHE A 239 9.00 -1.16 -47.36
C PHE A 239 8.20 -1.90 -46.33
N GLU A 240 8.89 -2.43 -45.32
CA GLU A 240 8.20 -3.05 -44.19
C GLU A 240 8.01 -2.03 -43.07
N VAL A 241 6.76 -1.62 -42.88
CA VAL A 241 6.43 -0.51 -41.97
C VAL A 241 5.17 -0.78 -41.18
N VAL A 242 4.90 0.05 -40.16
CA VAL A 242 3.63 -0.02 -39.44
C VAL A 242 2.47 0.41 -40.38
N THR A 243 1.48 -0.46 -40.57
CA THR A 243 0.34 -0.16 -41.46
C THR A 243 -0.95 0.31 -40.75
N SER A 244 -1.16 -0.14 -39.51
CA SER A 244 -2.25 0.37 -38.66
C SER A 244 -1.87 0.44 -37.16
N LEU A 245 -2.48 1.35 -36.44
CA LEU A 245 -2.27 1.45 -34.99
C LEU A 245 -3.60 1.74 -34.32
N SER A 246 -3.78 1.12 -33.15
CA SER A 246 -4.78 1.49 -32.19
C SER A 246 -4.13 1.83 -30.84
N PHE A 247 -4.77 2.77 -30.14
CA PHE A 247 -4.34 3.22 -28.84
C PHE A 247 -5.37 2.80 -27.80
N ILE A 248 -4.93 1.93 -26.90
CA ILE A 248 -5.84 1.32 -25.94
C ILE A 248 -5.74 2.01 -24.59
N THR A 249 -6.88 2.48 -24.09
CA THR A 249 -6.94 3.02 -22.75
C THR A 249 -7.77 2.12 -21.82
N ASN A 250 -7.94 2.57 -20.58
CA ASN A 250 -8.78 1.87 -19.61
C ASN A 250 -10.24 1.93 -20.02
N VAL A 251 -10.56 2.88 -20.89
CA VAL A 251 -11.94 3.18 -21.22
C VAL A 251 -12.33 2.65 -22.57
N THR A 252 -11.39 2.57 -23.49
CA THR A 252 -11.71 2.16 -24.86
C THR A 252 -10.50 1.98 -25.75
N LYS A 253 -10.76 1.57 -26.99
CA LYS A 253 -9.78 1.42 -28.03
C LYS A 253 -10.00 2.57 -29.03
N HIS A 254 -8.98 3.40 -29.24
CA HIS A 254 -8.99 4.46 -30.24
C HIS A 254 -8.26 3.96 -31.47
N GLY A 255 -9.00 3.83 -32.57
CA GLY A 255 -8.47 3.34 -33.85
C GLY A 255 -9.38 2.30 -34.48
N PRO A 256 -8.92 1.55 -35.48
CA PRO A 256 -7.53 1.60 -35.98
C PRO A 256 -7.29 2.78 -36.93
N PHE A 257 -6.05 3.29 -36.95
CA PHE A 257 -5.65 4.30 -37.92
C PHE A 257 -4.76 3.62 -38.93
N GLY A 258 -4.80 4.11 -40.17
CA GLY A 258 -4.16 3.40 -41.28
C GLY A 258 -5.04 2.21 -41.66
N ILE A 259 -4.51 1.27 -42.44
CA ILE A 259 -5.29 0.08 -42.78
C ILE A 259 -4.61 -1.18 -42.23
N ALA A 260 -5.42 -2.07 -41.65
CA ALA A 260 -4.89 -3.31 -41.11
C ALA A 260 -4.47 -4.28 -42.22
N SER A 261 -3.18 -4.46 -42.40
CA SER A 261 -2.65 -5.41 -43.37
C SER A 261 -1.38 -5.98 -42.84
N GLY A 262 -1.10 -7.23 -43.18
CA GLY A 262 0.17 -7.87 -42.82
C GLY A 262 0.05 -8.66 -41.53
N THR A 263 0.97 -8.41 -40.62
CA THR A 263 1.02 -9.13 -39.36
C THR A 263 0.49 -8.22 -38.25
N SER A 264 -0.52 -8.70 -37.54
CA SER A 264 -1.08 -7.93 -36.44
C SER A 264 -0.29 -8.20 -35.16
N PHE A 265 -0.31 -7.23 -34.24
CA PHE A 265 0.41 -7.36 -32.95
C PHE A 265 -0.42 -6.72 -31.85
N SER A 266 -0.19 -7.17 -30.62
CA SER A 266 -0.77 -6.54 -29.42
C SER A 266 0.01 -7.03 -28.21
N ILE A 267 -0.29 -6.44 -27.12
CA ILE A 267 0.34 -6.83 -25.85
C ILE A 267 -0.65 -6.76 -24.69
N PRO A 268 -0.95 -7.95 -24.15
CA PRO A 268 -1.98 -8.00 -23.11
C PRO A 268 -1.39 -7.56 -21.76
N ILE A 269 -1.52 -6.28 -21.48
CA ILE A 269 -1.04 -5.76 -20.22
C ILE A 269 -2.13 -5.08 -19.49
N GLU A 270 -2.07 -5.13 -18.15
CA GLU A 270 -2.96 -4.37 -17.22
C GLU A 270 -2.06 -3.72 -16.18
N GLY A 271 -2.57 -2.64 -15.56
CA GLY A 271 -1.84 -1.89 -14.55
C GLY A 271 -0.74 -1.00 -15.12
N SER A 272 -0.82 -0.68 -16.41
CA SER A 272 0.25 0.05 -17.05
C SER A 272 -0.16 1.46 -17.47
N LEU A 273 0.77 2.38 -17.40
CA LEU A 273 0.58 3.68 -18.01
C LEU A 273 1.68 3.79 -19.05
N VAL A 274 1.31 3.94 -20.30
CA VAL A 274 2.29 4.26 -21.36
C VAL A 274 2.92 5.64 -21.10
N THR A 275 4.23 5.67 -20.92
CA THR A 275 4.94 6.92 -20.61
C THR A 275 5.95 7.28 -21.68
N GLY A 276 5.94 6.53 -22.79
CA GLY A 276 6.79 6.88 -23.94
C GLY A 276 6.75 5.94 -25.13
N PHE A 277 7.57 6.25 -26.12
CA PHE A 277 7.60 5.45 -27.32
C PHE A 277 9.03 5.41 -27.85
N HIS A 278 9.35 4.37 -28.61
CA HIS A 278 10.63 4.27 -29.25
C HIS A 278 10.47 3.46 -30.51
N GLY A 279 11.39 3.69 -31.43
CA GLY A 279 11.41 2.94 -32.68
C GLY A 279 12.23 3.68 -33.70
N LYS A 280 11.88 3.45 -34.97
CA LYS A 280 12.63 4.01 -36.06
C LYS A 280 11.69 4.43 -37.14
N SER A 281 12.06 5.48 -37.85
CA SER A 281 11.22 5.97 -38.92
C SER A 281 12.06 6.58 -40.05
N GLY A 282 11.38 6.90 -41.15
CA GLY A 282 11.98 7.61 -42.27
C GLY A 282 10.87 8.31 -43.02
N TYR A 283 10.68 7.92 -44.29
CA TYR A 283 9.52 8.35 -45.07
C TYR A 283 8.24 8.02 -44.32
N TYR A 284 8.19 6.82 -43.74
CA TYR A 284 7.04 6.33 -42.96
C TYR A 284 7.47 5.87 -41.56
N LEU A 285 6.49 5.38 -40.80
CA LEU A 285 6.76 4.79 -39.49
C LEU A 285 7.14 3.32 -39.68
N ASP A 286 8.44 3.02 -39.69
CA ASP A 286 8.92 1.61 -39.81
C ASP A 286 8.57 0.71 -38.63
N SER A 287 8.81 1.22 -37.41
CA SER A 287 8.53 0.43 -36.17
C SER A 287 8.26 1.31 -34.97
N ILE A 288 7.48 0.76 -34.05
CA ILE A 288 7.13 1.47 -32.84
C ILE A 288 6.95 0.54 -31.65
N GLY A 289 7.45 1.00 -30.50
CA GLY A 289 7.40 0.26 -29.23
C GLY A 289 6.98 1.25 -28.15
N ILE A 290 6.64 0.72 -26.98
CA ILE A 290 6.21 1.53 -25.87
C ILE A 290 7.08 1.38 -24.62
N TYR A 291 7.14 2.44 -23.83
CA TYR A 291 7.63 2.37 -22.48
C TYR A 291 6.40 2.43 -21.59
N VAL A 292 6.42 1.66 -20.51
CA VAL A 292 5.33 1.72 -19.59
C VAL A 292 5.84 1.76 -18.17
N LYS A 293 4.97 2.21 -17.30
CA LYS A 293 5.26 2.31 -15.89
C LYS A 293 4.06 1.69 -15.13
N PRO A 294 4.31 1.03 -14.00
CA PRO A 294 3.20 0.55 -13.17
C PRO A 294 2.47 1.74 -12.61
N ARG A 295 1.15 1.78 -12.75
CA ARG A 295 0.35 2.74 -11.96
C ARG A 295 0.44 2.28 -10.49
N ASP A 296 0.36 3.19 -9.52
CA ASP A 296 0.47 2.74 -8.11
C ASP A 296 -0.85 2.62 -7.37
N VAL A 297 -0.77 1.88 -6.83
CA VAL A 297 -1.55 1.55 -5.71
C VAL A 297 -0.72 2.34 -4.73
N GLU A 298 -1.31 3.48 -4.42
CA GLU A 298 -0.80 4.52 -3.55
C GLU A 298 -1.23 5.74 -4.33
N GLY A 299 -1.32 5.97 -4.16
CA GLY A 299 -1.65 7.36 -4.48
C GLY A 299 -0.59 8.35 -4.00
N SER A 300 -0.64 9.55 -4.59
CA SER A 300 0.27 10.64 -4.26
C SER A 300 -0.58 11.75 -3.75
N ILE A 301 -0.10 12.43 -2.73
CA ILE A 301 -0.78 13.61 -2.27
C ILE A 301 -0.14 14.81 -2.93
N SER A 302 -0.97 15.78 -3.29
CA SER A 302 -0.52 16.98 -3.95
C SER A 302 -0.64 18.12 -2.95
N ILE A 303 0.46 18.87 -2.76
CA ILE A 303 0.50 20.05 -1.89
C ILE A 303 0.89 21.27 -2.71
N GLY A 304 0.24 22.40 -2.45
CA GLY A 304 0.52 23.62 -3.23
C GLY A 304 -0.33 23.60 -4.49
N PRO A 305 0.04 24.36 -5.51
CA PRO A 305 1.30 25.11 -5.56
C PRO A 305 1.22 26.45 -4.87
N TRP A 306 2.37 27.04 -4.54
CA TRP A 306 2.45 28.41 -4.03
C TRP A 306 2.96 29.33 -5.13
N GLY A 307 2.44 30.55 -5.15
CA GLY A 307 3.00 31.59 -5.96
C GLY A 307 1.99 32.33 -6.81
N GLY A 308 2.49 32.96 -7.87
CA GLY A 308 1.65 33.78 -8.71
C GLY A 308 0.68 32.89 -9.43
N SER A 309 -0.30 33.50 -10.08
CA SER A 309 -1.37 32.70 -10.64
C SER A 309 -1.38 32.75 -12.17
N GLY A 310 -0.36 33.36 -12.77
CA GLY A 310 -0.12 33.17 -14.21
C GLY A 310 0.63 31.89 -14.56
N GLY A 311 0.95 31.72 -15.84
CA GLY A 311 1.74 30.60 -16.30
C GLY A 311 0.86 29.44 -16.68
N ASP A 312 1.37 28.59 -17.57
CA ASP A 312 0.70 27.35 -17.96
C ASP A 312 0.98 26.22 -16.95
N PRO A 313 -0.03 25.39 -16.67
CA PRO A 313 0.16 24.31 -15.66
C PRO A 313 1.16 23.30 -16.19
N TRP A 314 2.00 22.81 -15.30
CA TRP A 314 2.95 21.76 -15.69
C TRP A 314 3.10 20.77 -14.52
N SER A 315 3.50 19.55 -14.80
CA SER A 315 3.79 18.64 -13.71
C SER A 315 4.84 17.59 -14.11
N TYR A 316 5.56 17.08 -13.11
CA TYR A 316 6.61 16.07 -13.33
C TYR A 316 6.64 15.07 -12.18
N THR A 317 6.51 13.80 -12.52
CA THR A 317 6.56 12.77 -11.53
C THR A 317 7.69 11.84 -11.90
N ALA A 318 8.66 11.66 -10.99
CA ALA A 318 9.77 10.72 -11.23
C ALA A 318 9.23 9.32 -11.59
N ASN A 319 9.92 8.71 -12.55
CA ASN A 319 9.74 7.31 -12.86
C ASN A 319 10.37 6.48 -11.71
N GLU A 320 11.48 6.99 -11.16
CA GLU A 320 12.15 6.38 -10.01
C GLU A 320 12.41 7.39 -8.89
N GLY A 321 13.62 7.93 -8.77
CA GLY A 321 13.91 8.89 -7.70
C GLY A 321 14.49 10.18 -8.25
N ILE A 322 13.90 11.33 -7.84
CA ILE A 322 14.45 12.65 -8.28
C ILE A 322 15.86 12.78 -7.73
N ASN A 323 16.72 13.04 -8.67
CA ASN A 323 18.13 13.08 -8.60
C ASN A 323 18.85 14.39 -8.69
N GLN A 324 18.24 15.27 -9.46
CA GLN A 324 18.93 16.45 -9.89
C GLN A 324 17.89 17.50 -10.20
N ILE A 325 18.14 18.71 -9.70
CA ILE A 325 17.28 19.83 -9.99
C ILE A 325 18.10 20.96 -10.56
N ILE A 326 17.68 21.42 -11.74
CA ILE A 326 18.32 22.55 -12.40
C ILE A 326 17.43 23.78 -12.24
N ILE A 327 17.94 24.79 -11.51
CA ILE A 327 17.24 26.07 -11.27
C ILE A 327 17.98 27.28 -11.84
N TYR A 328 17.41 27.93 -12.86
CA TYR A 328 17.91 29.23 -13.32
C TYR A 328 17.30 30.36 -12.46
N ALA A 329 18.17 31.21 -11.90
CA ALA A 329 17.77 32.31 -11.00
C ALA A 329 18.56 33.59 -11.24
N GLY A 330 17.92 34.71 -10.90
CA GLY A 330 18.50 36.06 -10.80
C GLY A 330 17.82 36.68 -9.59
N SER A 331 17.01 37.72 -9.77
CA SER A 331 16.28 38.24 -8.60
C SER A 331 14.98 37.51 -8.31
N ASN A 332 14.43 36.83 -9.33
CA ASN A 332 13.38 35.81 -9.14
C ASN A 332 13.81 34.44 -9.69
N ILE A 333 12.87 33.52 -9.85
CA ILE A 333 13.15 32.21 -10.41
C ILE A 333 12.67 32.18 -11.86
N LYS A 334 13.59 31.90 -12.76
CA LYS A 334 13.29 31.87 -14.19
C LYS A 334 12.72 30.53 -14.68
N SER A 335 13.31 29.45 -14.19
CA SER A 335 12.99 28.11 -14.67
C SER A 335 13.42 27.02 -13.71
N VAL A 336 12.85 25.85 -13.93
CA VAL A 336 13.12 24.74 -13.09
C VAL A 336 13.04 23.48 -14.00
N ALA A 337 13.87 22.48 -13.71
CA ALA A 337 13.90 21.22 -14.48
C ALA A 337 14.40 20.08 -13.59
N PHE A 338 14.09 18.84 -13.94
CA PHE A 338 14.39 17.71 -13.06
C PHE A 338 14.91 16.48 -13.80
N LYS A 339 15.85 15.78 -13.18
CA LYS A 339 16.33 14.52 -13.72
C LYS A 339 16.13 13.45 -12.68
N ASP A 340 15.87 12.21 -13.08
CA ASP A 340 15.77 11.12 -12.10
C ASP A 340 16.71 9.95 -12.35
N THR A 341 16.79 9.05 -11.37
CA THR A 341 17.79 7.96 -11.36
C THR A 341 17.61 6.97 -12.50
N SER A 342 16.47 7.02 -13.20
CA SER A 342 16.26 6.15 -14.35
C SER A 342 16.42 6.92 -15.65
N GLY A 343 16.97 8.13 -15.57
CA GLY A 343 17.25 8.87 -16.81
C GLY A 343 16.06 9.66 -17.32
N LEU A 344 15.00 9.77 -16.50
CA LEU A 344 13.84 10.57 -16.90
C LEU A 344 14.11 12.06 -16.64
N ASP A 345 14.29 12.80 -17.73
CA ASP A 345 14.66 14.24 -17.64
C ASP A 345 13.50 15.14 -18.03
N SER A 346 13.03 16.01 -17.14
CA SER A 346 11.90 16.90 -17.52
C SER A 346 12.27 17.92 -18.59
N ALA A 347 11.29 18.47 -19.29
CA ALA A 347 11.50 19.75 -20.01
C ALA A 347 11.80 20.89 -19.02
N THR A 348 12.27 22.01 -19.55
CA THR A 348 12.54 23.19 -18.74
C THR A 348 11.25 23.96 -18.51
N PHE A 349 10.89 24.16 -17.25
CA PHE A 349 9.65 24.88 -16.95
C PHE A 349 9.95 26.31 -16.60
N GLY A 350 9.65 27.19 -17.55
CA GLY A 350 10.03 28.61 -17.45
C GLY A 350 11.18 28.92 -18.38
N GLY A 351 11.72 30.14 -18.30
CA GLY A 351 12.88 30.52 -19.10
C GLY A 351 12.59 30.75 -20.57
N VAL A 352 11.31 30.90 -20.90
CA VAL A 352 10.87 31.13 -22.28
C VAL A 352 11.43 32.44 -22.91
N ASN A 353 11.91 33.38 -22.09
CA ASN A 353 12.43 34.66 -22.62
C ASN A 353 13.95 34.70 -22.73
N PRO A 354 14.48 34.69 -23.95
CA PRO A 354 15.94 34.63 -24.16
C PRO A 354 16.70 35.81 -23.53
N LYS A 355 16.02 36.95 -23.32
CA LYS A 355 16.67 38.13 -22.76
C LYS A 355 16.65 38.17 -21.22
N ASP A 356 15.94 37.23 -20.60
CA ASP A 356 15.91 37.14 -19.14
C ASP A 356 15.91 35.65 -18.78
N THR A 357 17.12 35.07 -18.63
CA THR A 357 17.23 33.64 -18.31
C THR A 357 17.85 33.33 -16.94
N GLY A 358 18.44 34.33 -16.29
CA GLY A 358 19.09 34.09 -15.00
C GLY A 358 20.30 33.20 -15.17
N GLU A 359 20.84 32.76 -14.05
CA GLU A 359 22.05 31.96 -14.00
C GLU A 359 21.73 30.53 -13.57
N LYS A 360 22.40 29.55 -14.17
CA LYS A 360 22.15 28.13 -13.87
C LYS A 360 22.62 27.68 -12.48
N ASN A 361 21.79 26.92 -11.78
CA ASN A 361 22.19 26.29 -10.52
C ASN A 361 21.81 24.80 -10.57
N THR A 362 22.56 23.98 -9.86
CA THR A 362 22.35 22.54 -9.80
C THR A 362 22.28 22.03 -8.36
N VAL A 363 21.22 21.28 -8.06
CA VAL A 363 21.15 20.54 -6.80
C VAL A 363 21.23 19.06 -7.18
N SER A 364 22.22 18.39 -6.63
CA SER A 364 22.48 16.97 -6.89
C SER A 364 22.20 16.22 -5.62
N ILE A 365 21.26 15.28 -5.72
CA ILE A 365 20.78 14.43 -4.63
C ILE A 365 21.28 13.01 -4.83
N ASN A 366 22.02 12.46 -3.78
CA ASN A 366 22.41 11.04 -3.86
C ASN A 366 21.29 10.03 -3.50
N TRP A 367 20.47 9.65 -4.47
CA TRP A 367 19.21 8.91 -4.19
C TRP A 367 19.53 7.42 -4.29
N PRO A 368 19.01 6.56 -3.42
CA PRO A 368 18.00 6.86 -2.39
C PRO A 368 18.48 7.16 -0.97
N SER A 369 19.79 7.15 -0.70
CA SER A 369 20.21 7.42 0.68
C SER A 369 19.81 8.82 1.08
N GLU A 370 19.94 9.77 0.16
CA GLU A 370 19.38 11.12 0.31
C GLU A 370 18.17 11.26 -0.63
N TYR A 371 17.10 11.89 -0.17
CA TYR A 371 15.90 12.07 -0.99
C TYR A 371 15.12 13.34 -0.63
N LEU A 372 14.57 13.99 -1.65
CA LEU A 372 13.83 15.26 -1.44
C LEU A 372 12.72 15.14 -0.38
N THR A 373 12.50 16.22 0.36
CA THR A 373 11.59 16.22 1.50
C THR A 373 10.57 17.42 1.57
N SER A 374 10.95 18.54 0.96
CA SER A 374 10.05 19.67 0.80
C SER A 374 10.79 20.84 0.25
N ILE A 375 9.99 21.86 -0.07
CA ILE A 375 10.46 23.13 -0.57
C ILE A 375 9.95 24.27 0.31
N SER A 376 10.67 25.39 0.26
CA SER A 376 10.23 26.61 0.90
C SER A 376 10.75 27.77 0.07
N GLY A 377 10.21 28.96 0.29
CA GLY A 377 10.77 30.12 -0.38
C GLY A 377 9.93 31.38 -0.23
N THR A 378 9.89 32.17 -1.29
CA THR A 378 9.12 33.42 -1.28
C THR A 378 8.61 33.65 -2.67
N TYR A 379 7.53 34.43 -2.75
CA TYR A 379 7.01 34.91 -4.02
C TYR A 379 6.55 36.35 -3.87
N GLY A 380 6.37 37.03 -4.99
CA GLY A 380 6.14 38.45 -4.95
C GLY A 380 6.38 39.08 -6.30
N GLN A 381 6.56 40.40 -6.28
CA GLN A 381 6.71 41.13 -7.52
C GLN A 381 8.13 40.95 -8.06
N TYR A 382 8.20 40.92 -9.38
CA TYR A 382 9.45 40.98 -10.10
C TYR A 382 9.19 41.76 -11.37
N LYS A 383 10.10 42.70 -11.68
CA LYS A 383 9.94 43.60 -12.80
C LYS A 383 11.07 43.41 -13.80
N PHE A 384 10.72 43.23 -15.05
CA PHE A 384 11.72 43.30 -16.07
C PHE A 384 11.34 44.54 -16.91
N LYS A 385 10.38 44.37 -17.79
CA LYS A 385 9.92 45.48 -18.61
C LYS A 385 8.50 45.74 -18.05
N ASP A 386 7.72 44.67 -18.02
CA ASP A 386 6.52 44.57 -17.19
C ASP A 386 6.74 44.04 -15.76
N VAL A 387 5.67 44.09 -14.95
CA VAL A 387 5.64 43.53 -13.60
C VAL A 387 5.01 42.13 -13.58
N PHE A 388 5.58 41.20 -12.80
CA PHE A 388 5.04 39.83 -12.68
C PHE A 388 5.03 39.42 -11.24
N THR A 389 4.20 38.42 -10.93
CA THR A 389 4.17 37.81 -9.62
C THR A 389 4.67 36.38 -9.80
N THR A 390 5.86 36.07 -9.28
CA THR A 390 6.44 34.74 -9.44
C THR A 390 7.12 34.28 -8.18
N ILE A 391 7.60 33.04 -8.20
CA ILE A 391 8.46 32.56 -7.15
C ILE A 391 9.70 33.42 -7.27
N THR A 392 10.15 33.94 -6.16
CA THR A 392 11.29 34.84 -6.26
C THR A 392 12.49 34.20 -5.64
N SER A 393 12.27 33.48 -4.55
CA SER A 393 13.32 32.67 -3.95
C SER A 393 12.82 31.25 -3.62
N LEU A 394 13.75 30.30 -3.54
CA LEU A 394 13.37 28.91 -3.45
C LEU A 394 14.49 28.08 -2.86
N SER A 395 14.16 27.28 -1.85
CA SER A 395 15.12 26.29 -1.33
C SER A 395 14.55 24.85 -1.45
N PHE A 396 15.43 23.85 -1.41
CA PHE A 396 14.97 22.47 -1.43
C PHE A 396 15.47 21.71 -0.21
N THR A 397 14.60 20.99 0.46
CA THR A 397 15.05 20.23 1.60
C THR A 397 15.03 18.75 1.30
N THR A 398 16.07 18.05 1.76
CA THR A 398 16.12 16.60 1.73
C THR A 398 16.19 16.08 3.15
N ASN A 399 16.21 14.76 3.29
CA ASN A 399 16.31 14.13 4.60
C ASN A 399 17.64 14.45 5.23
N LEU A 400 18.56 14.97 4.42
CA LEU A 400 19.94 15.20 4.85
C LEU A 400 20.33 16.66 4.96
N ALA A 401 19.73 17.53 4.15
CA ALA A 401 20.21 18.91 4.03
C ALA A 401 19.22 19.85 3.36
N THR A 402 19.62 21.13 3.27
CA THR A 402 18.87 22.15 2.57
C THR A 402 19.75 22.81 1.51
N TYR A 403 19.16 23.12 0.35
CA TYR A 403 19.89 23.68 -0.78
C TYR A 403 19.25 24.97 -1.25
N GLY A 404 20.07 25.97 -1.50
CA GLY A 404 19.61 27.31 -1.79
C GLY A 404 19.81 28.07 -0.51
N PRO A 405 19.23 29.26 -0.38
CA PRO A 405 18.20 29.80 -1.30
C PRO A 405 18.71 30.19 -2.69
N PHE A 406 17.81 30.16 -3.67
CA PHE A 406 18.10 30.63 -5.00
C PHE A 406 17.17 31.82 -5.26
N GLY A 407 17.64 32.79 -6.04
CA GLY A 407 16.88 34.03 -6.32
C GLY A 407 16.91 34.96 -5.12
N LYS A 408 15.93 35.88 -5.03
CA LYS A 408 15.85 36.84 -3.91
C LYS A 408 14.56 36.81 -3.13
N ALA A 409 14.73 36.69 -1.82
CA ALA A 409 13.63 36.79 -0.89
C ALA A 409 12.77 38.04 -1.17
N SER A 410 11.47 37.88 -0.99
CA SER A 410 10.54 38.97 -1.13
C SER A 410 9.54 38.75 0.03
N ALA A 411 8.54 39.62 0.13
CA ALA A 411 7.77 39.74 1.39
C ALA A 411 6.96 38.50 1.73
N THR A 412 6.21 37.97 0.76
CA THR A 412 5.42 36.77 1.02
C THR A 412 6.26 35.49 0.95
N SER A 413 6.44 34.84 2.09
CA SER A 413 7.16 33.59 2.13
C SER A 413 6.21 32.38 2.26
N PHE A 414 6.71 31.21 1.92
CA PHE A 414 5.96 29.96 2.12
C PHE A 414 6.86 28.83 2.57
N SER A 415 6.27 27.87 3.27
CA SER A 415 6.90 26.60 3.57
C SER A 415 5.85 25.53 3.89
N ILE A 416 6.31 24.34 4.26
CA ILE A 416 5.40 23.25 4.57
C ILE A 416 5.98 22.50 5.73
N PRO A 417 5.38 22.63 6.91
CA PRO A 417 5.87 21.91 8.05
C PRO A 417 5.40 20.46 7.83
N ILE A 418 6.28 19.58 7.33
CA ILE A 418 5.89 18.24 6.89
C ILE A 418 6.92 17.20 7.35
N HIS A 419 6.46 15.98 7.61
CA HIS A 419 7.32 14.93 8.16
C HIS A 419 6.83 13.60 7.71
N ASN A 420 7.76 12.64 7.69
CA ASN A 420 7.44 11.27 7.37
C ASN A 420 7.03 11.13 5.89
N ASN A 421 7.64 11.94 5.01
CA ASN A 421 7.29 11.92 3.59
C ASN A 421 8.49 11.94 2.68
N MET A 422 8.23 11.73 1.40
CA MET A 422 9.21 11.99 0.37
C MET A 422 8.50 12.63 -0.81
N VAL A 423 9.21 13.56 -1.46
CA VAL A 423 8.73 14.24 -2.65
C VAL A 423 8.98 13.36 -3.86
N VAL A 424 7.91 12.92 -4.49
CA VAL A 424 8.06 12.07 -5.66
C VAL A 424 7.86 12.84 -6.96
N GLY A 425 7.51 14.12 -6.89
CA GLY A 425 7.32 14.89 -8.12
C GLY A 425 7.00 16.35 -7.85
N PHE A 426 6.91 17.15 -8.91
CA PHE A 426 6.61 18.56 -8.77
C PHE A 426 5.51 18.91 -9.74
N HIS A 427 4.87 20.04 -9.47
CA HIS A 427 3.86 20.63 -10.36
C HIS A 427 3.78 22.11 -10.04
N GLY A 428 3.27 22.86 -11.00
CA GLY A 428 3.05 24.27 -10.82
C GLY A 428 2.65 24.87 -12.15
N ARG A 429 3.11 26.11 -12.33
CA ARG A 429 2.81 26.95 -13.49
C ARG A 429 4.07 27.72 -13.87
N ALA A 430 4.30 27.84 -15.16
CA ALA A 430 5.47 28.57 -15.65
C ALA A 430 5.13 29.20 -16.99
N GLY A 431 5.88 30.24 -17.33
CA GLY A 431 5.74 30.91 -18.64
C GLY A 431 7.14 31.43 -18.91
N ASP A 432 7.32 32.75 -18.88
CA ASP A 432 8.68 33.32 -18.92
C ASP A 432 9.48 32.95 -17.68
N TYR A 433 8.80 32.85 -16.55
CA TYR A 433 9.41 32.51 -15.28
C TYR A 433 8.62 31.43 -14.53
N LEU A 434 9.07 31.11 -13.32
CA LEU A 434 8.34 30.17 -12.52
C LEU A 434 7.25 30.85 -11.66
N ASP A 435 6.08 31.02 -12.25
CA ASP A 435 4.93 31.60 -11.50
C ASP A 435 4.62 30.90 -10.17
N ALA A 436 4.56 29.56 -10.18
CA ALA A 436 4.14 28.81 -8.99
C ALA A 436 4.73 27.41 -8.97
N ILE A 437 4.90 26.85 -7.79
CA ILE A 437 5.44 25.50 -7.68
C ILE A 437 4.88 24.78 -6.47
N GLY A 438 4.62 23.49 -6.63
CA GLY A 438 4.17 22.62 -5.56
C GLY A 438 4.82 21.26 -5.71
N ILE A 439 4.40 20.31 -4.87
CA ILE A 439 5.02 19.00 -4.81
C ILE A 439 3.99 17.87 -4.77
N PHE A 440 4.42 16.69 -5.18
CA PHE A 440 3.69 15.45 -4.97
C PHE A 440 4.43 14.69 -3.85
N VAL A 441 3.71 14.24 -2.84
CA VAL A 441 4.36 13.48 -1.78
C VAL A 441 3.76 12.11 -1.51
N LYS A 442 4.60 11.25 -0.94
CA LYS A 442 4.22 9.93 -0.44
C LYS A 442 4.78 9.71 0.94
N PRO A 443 4.08 8.92 1.76
CA PRO A 443 4.57 8.53 3.09
C PRO A 443 5.89 7.82 3.02
N ASP A 444 6.80 8.18 3.95
CA ASP A 444 8.03 7.43 4.37
C ASP A 444 9.20 8.36 4.78
N LYS B 3 -5.87 -1.63 4.06
CA LYS B 3 -5.06 -2.88 3.96
C LYS B 3 -4.47 -3.53 5.26
N GLY B 4 -3.66 -3.26 6.12
CA GLY B 4 -3.12 -3.71 7.40
C GLY B 4 -4.05 -4.75 8.06
N MET B 5 -3.42 -5.82 8.53
CA MET B 5 -4.16 -6.94 9.15
C MET B 5 -3.29 -7.50 10.25
N ILE B 6 -3.89 -8.19 11.18
CA ILE B 6 -3.13 -8.80 12.24
C ILE B 6 -2.99 -10.28 11.96
N SER B 7 -1.80 -10.79 12.18
CA SER B 7 -1.50 -12.19 12.04
C SER B 7 -1.68 -12.94 13.38
N VAL B 8 -2.47 -14.02 13.39
CA VAL B 8 -2.61 -14.85 14.60
C VAL B 8 -2.05 -16.28 14.37
N GLY B 9 -1.31 -16.80 15.33
CA GLY B 9 -0.64 -18.09 15.16
C GLY B 9 0.72 -17.95 14.48
N PRO B 10 1.12 -18.94 13.69
CA PRO B 10 0.35 -20.15 13.44
C PRO B 10 0.54 -21.19 14.58
N TRP B 11 -0.23 -22.27 14.51
CA TRP B 11 -0.12 -23.37 15.42
C TRP B 11 0.31 -24.55 14.63
N GLY B 12 1.18 -25.37 15.22
CA GLY B 12 1.63 -26.61 14.62
C GLY B 12 3.13 -26.68 14.69
N GLY B 13 3.73 -27.42 13.76
CA GLY B 13 5.15 -27.73 13.84
C GLY B 13 5.90 -26.70 13.04
N SER B 14 7.21 -26.85 13.01
CA SER B 14 8.06 -25.81 12.46
C SER B 14 8.67 -26.27 11.15
N GLY B 15 8.30 -27.46 10.70
CA GLY B 15 8.72 -27.96 9.39
C GLY B 15 7.96 -27.31 8.25
N GLY B 16 8.27 -27.75 7.02
CA GLY B 16 7.63 -27.19 5.83
C GLY B 16 8.17 -25.82 5.45
N ASN B 17 7.51 -25.22 4.46
CA ASN B 17 7.85 -23.91 3.96
C ASN B 17 6.74 -22.92 4.28
N TYR B 18 7.12 -21.69 4.63
CA TYR B 18 6.15 -20.64 4.92
C TYR B 18 5.28 -20.32 3.69
N TRP B 19 4.01 -20.10 3.94
CA TRP B 19 3.12 -19.64 2.90
C TRP B 19 2.11 -18.68 3.55
N SER B 20 1.54 -17.78 2.74
CA SER B 20 0.37 -17.00 3.14
C SER B 20 -0.60 -16.76 2.02
N PHE B 21 -1.86 -16.56 2.37
CA PHE B 21 -2.84 -16.19 1.38
C PHE B 21 -3.73 -15.08 1.92
N LYS B 22 -3.70 -13.94 1.25
CA LYS B 22 -4.52 -12.77 1.59
C LYS B 22 -5.58 -12.57 0.55
N ALA B 23 -6.81 -12.90 0.91
CA ALA B 23 -7.92 -12.90 -0.02
C ALA B 23 -8.26 -11.49 -0.51
N ASN B 24 -8.58 -11.40 -1.78
CA ASN B 24 -8.97 -10.13 -2.37
C ASN B 24 -10.46 -9.85 -2.20
N HIS B 25 -11.21 -10.88 -1.84
CA HIS B 25 -12.64 -10.72 -1.56
C HIS B 25 -12.89 -11.68 -0.42
N ALA B 26 -14.03 -11.55 0.27
CA ALA B 26 -14.36 -12.46 1.37
C ALA B 26 -14.09 -13.92 0.99
N ILE B 27 -13.55 -14.67 1.96
CA ILE B 27 -13.33 -16.11 1.86
C ILE B 27 -14.64 -16.86 1.98
N THR B 28 -14.97 -17.62 0.93
CA THR B 28 -16.27 -18.29 0.84
C THR B 28 -16.16 -19.82 0.79
N GLU B 29 -14.95 -20.36 0.60
CA GLU B 29 -14.81 -21.81 0.62
C GLU B 29 -13.44 -22.20 1.16
N ILE B 30 -13.40 -23.24 1.98
CA ILE B 30 -12.16 -23.88 2.39
C ILE B 30 -12.16 -25.36 1.93
N VAL B 31 -11.15 -25.74 1.17
CA VAL B 31 -11.01 -27.09 0.70
C VAL B 31 -9.84 -27.71 1.45
N ILE B 32 -10.11 -28.84 2.11
CA ILE B 32 -9.09 -29.62 2.80
C ILE B 32 -9.07 -31.06 2.32
N HIS B 33 -7.91 -31.69 2.40
CA HIS B 33 -7.76 -33.11 2.21
C HIS B 33 -7.36 -33.71 3.55
N VAL B 34 -8.29 -34.65 4.04
CA VAL B 34 -8.18 -35.18 5.40
C VAL B 34 -8.21 -36.72 5.44
N LYS B 35 -7.42 -37.30 6.34
CA LYS B 35 -7.47 -38.72 6.63
C LYS B 35 -7.38 -38.95 8.14
N ASP B 36 -6.21 -38.67 8.70
CA ASP B 36 -6.00 -38.63 10.15
C ASP B 36 -5.52 -37.23 10.54
N ASN B 37 -4.73 -36.63 9.77
CA ASN B 37 -4.20 -35.28 9.86
C ASN B 37 -4.68 -34.49 8.62
N ILE B 38 -4.30 -33.21 8.56
CA ILE B 38 -4.65 -32.36 7.39
C ILE B 38 -3.55 -32.43 6.35
N LYS B 39 -3.81 -33.11 5.24
CA LYS B 39 -2.80 -33.30 4.20
C LYS B 39 -2.55 -31.97 3.51
N SER B 40 -3.60 -31.18 3.37
CA SER B 40 -3.54 -30.02 2.52
C SER B 40 -4.75 -29.07 2.67
N ILE B 41 -4.58 -27.82 2.23
CA ILE B 41 -5.63 -26.83 2.34
C ILE B 41 -5.54 -25.84 1.18
N SER B 42 -6.69 -25.37 0.71
CA SER B 42 -6.76 -24.22 -0.20
C SER B 42 -8.04 -23.44 0.07
N PHE B 43 -8.20 -22.28 -0.61
CA PHE B 43 -9.33 -21.38 -0.33
C PHE B 43 -9.91 -20.79 -1.59
N LYS B 44 -11.16 -20.35 -1.50
CA LYS B 44 -11.79 -19.64 -2.61
C LYS B 44 -12.54 -18.42 -2.09
N ASP B 45 -12.47 -17.30 -2.83
CA ASP B 45 -13.18 -16.10 -2.42
C ASP B 45 -14.48 -15.83 -3.16
N ALA B 46 -15.21 -14.81 -2.72
CA ALA B 46 -16.55 -14.46 -3.27
C ALA B 46 -16.60 -14.29 -4.79
N SER B 47 -15.50 -13.96 -5.42
CA SER B 47 -15.58 -13.80 -6.85
C SER B 47 -14.91 -14.94 -7.62
N GLY B 48 -14.70 -16.10 -6.97
CA GLY B 48 -14.09 -17.25 -7.64
C GLY B 48 -12.57 -17.37 -7.64
N ASP B 49 -11.88 -16.40 -7.04
CA ASP B 49 -10.43 -16.48 -6.96
C ASP B 49 -10.06 -17.62 -6.04
N ILE B 50 -9.02 -18.36 -6.41
CA ILE B 50 -8.54 -19.40 -5.55
C ILE B 50 -7.13 -19.11 -5.07
N SER B 51 -6.78 -19.67 -3.91
CA SER B 51 -5.41 -19.65 -3.44
C SER B 51 -4.76 -20.88 -4.07
N GLY B 52 -3.46 -21.01 -4.07
CA GLY B 52 -2.99 -22.37 -4.43
C GLY B 52 -3.40 -23.42 -3.38
N THR B 53 -3.06 -24.70 -3.64
CA THR B 53 -3.17 -25.77 -2.63
C THR B 53 -1.92 -25.80 -1.74
N PHE B 54 -2.09 -25.72 -0.43
CA PHE B 54 -0.91 -25.76 0.46
C PHE B 54 -0.82 -27.14 1.11
N GLY B 55 0.33 -27.77 0.91
CA GLY B 55 0.57 -29.13 1.35
C GLY B 55 0.15 -30.12 0.28
N GLY B 56 -0.13 -31.35 0.73
CA GLY B 56 -0.54 -32.42 -0.17
C GLY B 56 0.55 -32.89 -1.13
N LYS B 57 1.81 -32.87 -0.70
CA LYS B 57 2.87 -33.25 -1.62
C LYS B 57 3.37 -34.67 -1.40
N ASP B 58 2.66 -35.45 -0.60
CA ASP B 58 3.07 -36.84 -0.43
C ASP B 58 2.91 -37.56 -1.78
N PRO B 59 4.00 -38.11 -2.33
CA PRO B 59 3.89 -38.95 -3.55
C PRO B 59 3.02 -40.19 -3.34
N ARG B 60 3.05 -40.73 -2.14
CA ARG B 60 2.29 -41.90 -1.73
C ARG B 60 0.85 -41.67 -1.86
N GLU B 61 0.39 -42.61 -2.60
CA GLU B 61 -0.96 -42.38 -2.94
C GLU B 61 -1.91 -42.63 -1.82
N ASN B 62 -1.67 -43.60 -1.03
CA ASN B 62 -2.62 -43.79 0.06
C ASN B 62 -2.51 -42.64 1.08
N GLU B 63 -1.94 -41.51 0.64
CA GLU B 63 -1.70 -40.36 1.51
C GLU B 63 -2.38 -39.05 1.02
N LYS B 64 -3.05 -39.15 -0.14
CA LYS B 64 -3.81 -38.04 -0.72
C LYS B 64 -4.88 -37.47 0.25
N GLY B 65 -5.58 -38.34 0.98
CA GLY B 65 -6.62 -37.91 1.94
C GLY B 65 -7.96 -37.61 1.30
N ASP B 66 -9.05 -37.66 2.07
CA ASP B 66 -10.40 -37.37 1.53
C ASP B 66 -10.68 -35.87 1.44
N GLU B 67 -11.36 -35.46 0.37
CA GLU B 67 -11.69 -34.04 0.21
C GLU B 67 -12.96 -33.60 0.94
N LYS B 68 -12.86 -32.49 1.66
CA LYS B 68 -14.01 -31.87 2.29
C LYS B 68 -14.10 -30.40 1.92
N LYS B 69 -15.29 -29.96 1.56
CA LYS B 69 -15.50 -28.57 1.17
C LYS B 69 -16.34 -27.86 2.23
N ILE B 70 -15.75 -26.88 2.89
CA ILE B 70 -16.49 -26.02 3.79
C ILE B 70 -16.92 -24.74 3.06
N LYS B 71 -18.23 -24.54 2.96
CA LYS B 71 -18.83 -23.39 2.29
C LYS B 71 -19.24 -22.35 3.29
N ILE B 72 -18.91 -21.10 3.01
CA ILE B 72 -19.26 -20.02 3.90
C ILE B 72 -20.41 -19.30 3.22
N HIS B 73 -21.57 -19.24 3.85
CA HIS B 73 -22.79 -18.67 3.22
C HIS B 73 -22.78 -17.14 3.21
N TRP B 74 -21.77 -16.59 2.55
CA TRP B 74 -21.59 -15.17 2.29
C TRP B 74 -22.76 -14.63 1.45
N PRO B 75 -23.25 -13.41 1.71
CA PRO B 75 -22.64 -12.42 2.62
C PRO B 75 -23.24 -12.42 4.00
N THR B 76 -24.29 -13.20 4.28
CA THR B 76 -24.89 -13.25 5.62
C THR B 76 -24.01 -14.00 6.64
N GLU B 77 -23.11 -14.90 6.20
CA GLU B 77 -22.19 -15.62 7.06
C GLU B 77 -20.78 -15.20 6.66
N TYR B 78 -19.90 -14.96 7.64
CA TYR B 78 -18.50 -14.63 7.34
C TYR B 78 -17.57 -15.37 8.31
N LEU B 79 -16.36 -15.65 7.87
CA LEU B 79 -15.41 -16.31 8.73
C LEU B 79 -14.84 -15.34 9.74
N LYS B 80 -14.84 -15.76 11.00
CA LYS B 80 -14.29 -14.94 12.05
C LYS B 80 -13.07 -15.53 12.77
N SER B 81 -12.99 -16.85 12.87
CA SER B 81 -11.90 -17.45 13.63
C SER B 81 -11.69 -18.93 13.23
N ILE B 82 -10.72 -19.61 13.85
CA ILE B 82 -10.56 -21.05 13.68
C ILE B 82 -10.24 -21.69 15.04
N SER B 83 -10.21 -23.03 15.07
CA SER B 83 -9.61 -23.77 16.18
C SER B 83 -9.12 -25.07 15.60
N GLY B 84 -8.47 -25.90 16.40
CA GLY B 84 -8.12 -27.25 15.95
C GLY B 84 -7.05 -27.83 16.81
N SER B 85 -6.24 -28.70 16.24
CA SER B 85 -5.24 -29.35 17.05
C SER B 85 -4.04 -29.72 16.23
N TYR B 86 -2.90 -29.75 16.88
CA TYR B 86 -1.69 -30.22 16.25
C TYR B 86 -1.08 -31.31 17.15
N GLY B 87 -0.40 -32.24 16.49
CA GLY B 87 0.43 -33.19 17.17
C GLY B 87 1.14 -34.03 16.13
N ASP B 88 1.68 -35.14 16.59
CA ASP B 88 2.50 -36.02 15.80
C ASP B 88 1.73 -36.84 14.76
N TYR B 89 2.35 -37.01 13.60
CA TYR B 89 1.82 -37.85 12.55
C TYR B 89 2.97 -38.35 11.67
N ASN B 90 3.17 -39.67 11.65
CA ASN B 90 4.35 -40.28 11.01
C ASN B 90 5.64 -39.60 11.46
N GLY B 91 5.76 -39.19 12.72
CA GLY B 91 6.99 -38.54 13.21
C GLY B 91 7.17 -37.04 12.94
N VAL B 92 6.13 -36.38 12.45
CA VAL B 92 6.15 -34.94 12.15
C VAL B 92 5.07 -34.17 12.91
N LEU B 93 5.46 -33.07 13.53
CA LEU B 93 4.53 -32.19 14.25
C LEU B 93 3.75 -31.42 13.20
N VAL B 94 2.43 -31.58 13.23
CA VAL B 94 1.58 -31.22 12.11
C VAL B 94 0.15 -30.92 12.60
N ILE B 95 -0.60 -30.13 11.81
CA ILE B 95 -2.00 -29.88 12.10
C ILE B 95 -2.77 -31.21 11.94
N ARG B 96 -3.55 -31.57 12.96
CA ARG B 96 -4.31 -32.83 12.94
C ARG B 96 -5.79 -32.61 12.74
N SER B 97 -6.37 -31.64 13.47
CA SER B 97 -7.76 -31.31 13.26
C SER B 97 -7.96 -29.80 13.11
N LEU B 98 -9.09 -29.42 12.52
CA LEU B 98 -9.42 -28.02 12.27
C LEU B 98 -10.94 -27.77 12.31
N SER B 99 -11.30 -26.61 12.86
CA SER B 99 -12.65 -26.10 12.81
C SER B 99 -12.65 -24.68 12.27
N PHE B 100 -13.76 -24.28 11.64
CA PHE B 100 -13.87 -22.94 11.08
C PHE B 100 -15.08 -22.25 11.71
N ILE B 101 -14.80 -21.14 12.40
CA ILE B 101 -15.79 -20.47 13.20
C ILE B 101 -16.32 -19.23 12.47
N THR B 102 -17.62 -19.13 12.46
CA THR B 102 -18.26 -18.19 11.62
C THR B 102 -19.13 -17.41 12.57
N ASN B 103 -19.78 -16.35 12.12
CA ASN B 103 -20.70 -15.64 13.01
C ASN B 103 -21.94 -16.46 13.35
N LEU B 104 -22.18 -17.52 12.58
CA LEU B 104 -23.44 -18.28 12.66
C LEU B 104 -23.31 -19.71 13.23
N THR B 105 -22.14 -20.32 13.10
CA THR B 105 -21.93 -21.71 13.41
C THR B 105 -20.45 -22.07 13.30
N THR B 106 -20.13 -23.32 13.68
CA THR B 106 -18.78 -23.86 13.58
C THR B 106 -18.83 -25.05 12.66
N TYR B 107 -17.92 -25.09 11.69
CA TYR B 107 -17.77 -26.26 10.81
C TYR B 107 -16.56 -27.06 11.27
N GLY B 108 -16.82 -28.32 11.62
CA GLY B 108 -15.79 -29.23 12.06
C GLY B 108 -16.21 -29.86 13.36
N PRO B 109 -15.32 -30.56 14.01
CA PRO B 109 -13.89 -30.69 13.64
C PRO B 109 -13.66 -31.65 12.50
N PHE B 110 -12.60 -31.39 11.75
CA PHE B 110 -12.24 -32.26 10.66
C PHE B 110 -10.86 -32.77 10.99
N GLY B 111 -10.62 -34.05 10.68
CA GLY B 111 -9.39 -34.70 11.10
C GLY B 111 -9.51 -35.33 12.47
N SER B 112 -8.44 -35.95 12.93
CA SER B 112 -8.47 -36.71 14.18
C SER B 112 -8.40 -35.78 15.39
N THR B 113 -9.24 -36.09 16.41
CA THR B 113 -9.18 -35.31 17.64
C THR B 113 -8.61 -36.06 18.80
N SER B 114 -7.58 -36.87 18.52
CA SER B 114 -6.86 -37.58 19.63
C SER B 114 -5.38 -37.58 19.41
N GLY B 115 -4.62 -37.61 20.46
CA GLY B 115 -3.21 -37.60 20.20
C GLY B 115 -2.77 -36.19 19.79
N GLY B 116 -3.58 -35.20 20.24
CA GLY B 116 -3.32 -33.82 19.99
C GLY B 116 -3.16 -32.96 21.23
N GLU B 117 -2.96 -31.74 20.84
CA GLU B 117 -2.79 -30.58 21.62
C GLU B 117 -3.66 -29.57 20.90
N SER B 118 -4.70 -29.10 21.56
CA SER B 118 -5.61 -28.21 20.86
C SER B 118 -5.24 -26.76 21.08
N PHE B 119 -5.73 -25.92 20.18
CA PHE B 119 -5.48 -24.49 20.21
C PHE B 119 -6.82 -23.82 19.92
N SER B 120 -7.04 -22.66 20.49
CA SER B 120 -8.26 -21.91 20.22
C SER B 120 -7.94 -20.47 20.43
N ILE B 121 -8.86 -19.58 20.07
CA ILE B 121 -8.57 -18.15 20.02
C ILE B 121 -9.67 -17.33 20.68
N PRO B 122 -9.33 -16.70 21.80
CA PRO B 122 -10.31 -15.94 22.55
C PRO B 122 -10.40 -14.56 21.90
N ILE B 123 -11.10 -14.49 20.76
CA ILE B 123 -11.05 -13.31 19.90
C ILE B 123 -12.43 -12.72 19.77
N ALA B 124 -12.53 -11.42 19.50
CA ALA B 124 -13.84 -10.86 19.14
C ALA B 124 -13.69 -9.72 18.15
N ASP B 125 -14.79 -9.47 17.43
CA ASP B 125 -14.87 -8.42 16.44
C ASP B 125 -13.92 -8.63 15.30
N SER B 126 -13.61 -9.89 14.97
CA SER B 126 -12.73 -10.12 13.84
C SER B 126 -13.44 -10.72 12.65
N VAL B 127 -12.80 -10.54 11.48
CA VAL B 127 -13.14 -11.18 10.21
C VAL B 127 -11.84 -11.76 9.70
N VAL B 128 -11.85 -13.02 9.31
CA VAL B 128 -10.65 -13.65 8.73
C VAL B 128 -10.51 -13.18 7.29
N VAL B 129 -9.42 -12.52 6.95
CA VAL B 129 -9.28 -12.04 5.59
C VAL B 129 -8.18 -12.80 4.88
N GLY B 130 -7.60 -13.79 5.55
CA GLY B 130 -6.59 -14.67 4.92
C GLY B 130 -5.99 -15.70 5.86
N PHE B 131 -5.06 -16.48 5.33
CA PHE B 131 -4.44 -17.58 6.06
C PHE B 131 -2.95 -17.59 5.85
N HIS B 132 -2.23 -18.21 6.77
CA HIS B 132 -0.83 -18.46 6.55
C HIS B 132 -0.47 -19.72 7.31
N GLY B 133 0.72 -20.25 7.05
CA GLY B 133 1.14 -21.45 7.74
C GLY B 133 2.41 -22.00 7.15
N ARG B 134 2.66 -23.27 7.42
CA ARG B 134 3.82 -23.96 6.91
C ARG B 134 3.27 -25.16 6.25
N ALA B 135 3.86 -25.52 5.12
CA ALA B 135 3.41 -26.73 4.45
C ALA B 135 4.56 -27.44 3.76
N GLY B 136 4.48 -28.77 3.74
CA GLY B 136 5.39 -29.61 2.94
C GLY B 136 4.55 -30.70 2.28
N TYR B 137 4.73 -31.94 2.71
CA TYR B 137 3.84 -33.02 2.35
C TYR B 137 2.46 -32.76 2.91
N TYR B 138 2.43 -32.25 4.14
CA TYR B 138 1.19 -32.05 4.85
C TYR B 138 1.09 -30.59 5.28
N LEU B 139 0.04 -30.27 6.02
CA LEU B 139 -0.10 -28.95 6.63
C LEU B 139 0.61 -28.90 7.97
N ASP B 140 1.89 -28.51 8.00
CA ASP B 140 2.62 -28.50 9.29
C ASP B 140 2.01 -27.54 10.28
N ALA B 141 1.59 -26.34 9.83
CA ALA B 141 1.02 -25.33 10.73
C ALA B 141 0.06 -24.41 9.99
N LEU B 142 -0.85 -23.79 10.73
CA LEU B 142 -1.89 -22.92 10.17
C LEU B 142 -2.10 -21.78 11.15
N GLY B 143 -2.27 -20.57 10.59
CA GLY B 143 -2.75 -19.42 11.33
C GLY B 143 -3.69 -18.55 10.48
N ILE B 144 -4.11 -17.40 11.00
CA ILE B 144 -5.05 -16.55 10.28
C ILE B 144 -4.60 -15.09 10.20
N PHE B 145 -5.20 -14.38 9.25
CA PHE B 145 -5.03 -12.97 9.13
C PHE B 145 -6.42 -12.40 9.44
N VAL B 146 -6.46 -11.43 10.37
CA VAL B 146 -7.71 -10.83 10.79
C VAL B 146 -7.71 -9.29 10.62
N GLN B 147 -8.89 -8.72 10.42
CA GLN B 147 -9.13 -7.27 10.46
C GLN B 147 -10.39 -7.11 11.31
N PRO B 148 -10.63 -5.92 11.87
CA PRO B 148 -11.81 -5.67 12.67
C PRO B 148 -13.02 -5.69 11.77
N VAL B 149 -14.19 -5.95 12.36
CA VAL B 149 -15.51 -5.78 11.75
C VAL B 149 -15.80 -4.28 11.59
N PRO B 150 -16.60 -3.95 10.56
CA PRO B 150 -16.89 -2.50 10.38
C PRO B 150 -17.26 -1.88 11.73
N HIS B 151 -16.71 -0.70 12.04
CA HIS B 151 -16.95 -0.02 13.35
C HIS B 151 -16.48 -0.76 14.58
N GLY B 152 -15.64 -1.78 14.43
CA GLY B 152 -15.20 -2.50 15.62
C GLY B 152 -13.72 -2.42 15.87
N THR B 153 -13.27 -3.12 16.91
CA THR B 153 -11.85 -3.21 17.27
C THR B 153 -11.55 -4.64 17.67
N ILE B 154 -10.55 -5.25 17.06
CA ILE B 154 -10.20 -6.60 17.42
C ILE B 154 -9.85 -6.66 18.91
N SER B 155 -10.30 -7.73 19.55
CA SER B 155 -10.19 -7.87 20.97
C SER B 155 -9.69 -9.29 21.28
N PHE B 156 -8.74 -9.41 22.21
CA PHE B 156 -8.33 -10.74 22.70
C PHE B 156 -8.52 -10.86 24.21
N GLY B 157 -8.94 -12.04 24.65
CA GLY B 157 -9.22 -12.30 26.07
C GLY B 157 -10.62 -11.87 26.43
N PRO B 158 -10.89 -11.48 27.68
CA PRO B 158 -9.89 -11.39 28.77
C PRO B 158 -9.46 -12.74 29.35
N TRP B 159 -8.30 -12.76 30.01
CA TRP B 159 -7.85 -13.96 30.68
C TRP B 159 -7.95 -13.75 32.21
N GLY B 160 -8.20 -14.83 32.95
CA GLY B 160 -8.28 -14.74 34.39
C GLY B 160 -9.56 -15.29 34.98
N GLY B 161 -9.85 -14.88 36.20
CA GLY B 161 -10.99 -15.43 36.89
C GLY B 161 -12.27 -14.77 36.41
N PRO B 162 -13.40 -15.26 36.92
CA PRO B 162 -14.73 -14.80 36.47
C PRO B 162 -15.33 -13.62 37.23
N ALA B 163 -14.72 -13.18 38.31
CA ALA B 163 -15.38 -12.14 39.12
C ALA B 163 -14.74 -10.74 38.96
N GLY B 164 -15.05 -9.83 39.88
CA GLY B 164 -14.52 -8.47 39.85
C GLY B 164 -15.69 -7.52 39.72
N ASP B 165 -16.01 -6.80 40.79
CA ASP B 165 -17.19 -5.92 40.78
C ASP B 165 -17.05 -4.71 39.83
N ASP B 166 -15.82 -4.29 39.52
CA ASP B 166 -15.58 -3.06 38.74
C ASP B 166 -15.07 -3.40 37.33
N ALA B 167 -15.91 -3.13 36.33
CA ALA B 167 -15.56 -3.42 34.94
C ALA B 167 -14.68 -2.27 34.50
N PHE B 168 -13.73 -2.51 33.61
CA PHE B 168 -12.99 -1.39 33.01
C PHE B 168 -12.81 -1.66 31.53
N ASN B 169 -12.56 -0.62 30.75
CA ASN B 169 -12.63 -0.74 29.30
C ASN B 169 -12.24 0.58 28.68
N PHE B 170 -11.13 0.63 27.95
CA PHE B 170 -10.74 1.86 27.28
C PHE B 170 -9.90 1.62 26.05
N LYS B 171 -9.97 2.61 25.15
CA LYS B 171 -9.14 2.57 23.94
C LYS B 171 -8.43 3.91 23.77
N VAL B 172 -7.20 3.87 23.27
CA VAL B 172 -6.39 5.09 23.12
C VAL B 172 -6.29 5.56 21.67
N GLY B 173 -6.14 6.79 21.48
CA GLY B 173 -5.82 7.29 20.13
C GLY B 173 -4.37 7.64 19.84
N SER B 174 -3.47 7.18 20.68
CA SER B 174 -2.06 7.29 20.41
C SER B 174 -1.48 5.89 20.60
N TRP B 175 -0.90 5.63 21.69
CA TRP B 175 -0.33 4.33 22.06
C TRP B 175 -0.05 4.29 23.56
N ILE B 176 0.09 3.08 24.10
CA ILE B 176 0.41 2.90 25.51
C ILE B 176 1.90 3.21 25.74
N LYS B 177 2.16 4.22 26.62
CA LYS B 177 3.54 4.62 26.94
C LYS B 177 4.01 4.12 28.31
N ASP B 178 3.11 4.09 29.28
CA ASP B 178 3.43 3.66 30.64
C ASP B 178 2.44 2.67 31.18
N ILE B 179 2.99 1.63 31.82
CA ILE B 179 2.22 0.66 32.56
C ILE B 179 2.71 0.67 34.01
N ILE B 180 1.80 0.97 34.93
CA ILE B 180 2.14 1.00 36.34
C ILE B 180 1.43 -0.16 36.99
N ILE B 181 2.23 -1.07 37.57
CA ILE B 181 1.72 -2.29 38.20
C ILE B 181 2.07 -2.44 39.67
N TYR B 182 1.09 -2.82 40.49
CA TYR B 182 1.38 -3.24 41.84
C TYR B 182 1.19 -4.73 41.91
N ALA B 183 2.26 -5.30 42.21
CA ALA B 183 2.27 -6.76 42.20
C ALA B 183 3.20 -7.34 43.26
N ASP B 184 2.70 -8.52 43.55
CA ASP B 184 3.54 -9.19 44.45
C ASP B 184 3.57 -10.57 44.00
N ALA B 185 2.53 -11.28 44.35
CA ALA B 185 2.46 -12.67 43.90
C ALA B 185 1.31 -12.75 42.96
N ALA B 186 0.53 -11.73 43.14
CA ALA B 186 -0.57 -11.49 42.30
C ALA B 186 -0.47 -10.08 41.83
N ILE B 187 -1.29 -9.74 40.88
CA ILE B 187 -1.39 -8.37 40.41
C ILE B 187 -2.46 -7.72 41.24
N ASN B 188 -2.04 -6.76 42.05
CA ASN B 188 -2.95 -6.06 42.93
C ASN B 188 -3.71 -5.00 42.14
N SER B 189 -2.97 -4.28 41.27
CA SER B 189 -3.56 -3.22 40.47
C SER B 189 -2.75 -2.95 39.20
N ILE B 190 -3.39 -2.27 38.22
CA ILE B 190 -2.72 -1.85 36.99
C ILE B 190 -3.28 -0.51 36.52
N ALA B 191 -2.42 0.30 35.93
CA ALA B 191 -2.78 1.62 35.41
C ALA B 191 -1.90 1.91 34.18
N PHE B 192 -2.32 2.84 33.34
CA PHE B 192 -1.66 3.03 32.04
C PHE B 192 -1.65 4.50 31.76
N LYS B 193 -0.63 4.94 31.05
CA LYS B 193 -0.59 6.28 30.55
C LYS B 193 -0.48 6.24 29.01
N ASP B 194 -1.31 7.04 28.35
CA ASP B 194 -1.17 7.48 26.96
C ASP B 194 0.20 7.99 26.60
N ALA B 195 0.48 8.16 25.31
CA ALA B 195 1.56 9.02 24.87
C ALA B 195 1.28 10.49 25.17
N ASN B 196 0.03 10.83 25.42
CA ASN B 196 -0.29 12.20 25.76
C ASN B 196 -0.18 12.47 27.27
N GLY B 197 0.09 11.43 28.06
CA GLY B 197 0.11 11.60 29.50
C GLY B 197 -1.22 11.31 30.22
N HIS B 198 -2.31 11.12 29.47
CA HIS B 198 -3.59 10.74 30.08
C HIS B 198 -3.47 9.39 30.79
N CYS B 199 -4.06 9.31 31.98
CA CYS B 199 -3.91 8.16 32.87
C CYS B 199 -5.20 7.33 32.88
N TYR B 200 -5.08 6.00 32.78
CA TYR B 200 -6.27 5.15 32.84
C TYR B 200 -6.24 4.30 34.08
N GLY B 201 -7.30 4.48 34.86
CA GLY B 201 -7.55 3.73 36.05
C GLY B 201 -6.80 4.03 37.32
N LYS B 202 -7.05 3.14 38.25
CA LYS B 202 -6.09 2.27 38.82
C LYS B 202 -7.16 1.20 38.63
N PHE B 203 -6.84 0.02 38.14
CA PHE B 203 -7.82 -1.05 38.13
C PHE B 203 -7.33 -2.08 39.15
N GLY B 204 -8.11 -2.21 40.22
CA GLY B 204 -7.70 -3.01 41.37
C GLY B 204 -7.12 -2.14 42.48
N GLY B 205 -6.35 -2.75 43.39
CA GLY B 205 -5.70 -2.04 44.49
C GLY B 205 -6.64 -1.51 45.55
N GLN B 206 -7.82 -2.11 45.69
CA GLN B 206 -8.80 -1.62 46.66
C GLN B 206 -8.61 -2.18 48.06
N ASP B 207 -7.78 -3.22 48.22
CA ASP B 207 -7.42 -3.81 49.53
C ASP B 207 -6.47 -2.96 50.38
N PRO B 208 -6.96 -2.41 51.49
CA PRO B 208 -6.13 -1.49 52.32
C PRO B 208 -4.93 -2.17 52.96
N ASN B 209 -5.03 -3.48 53.20
CA ASN B 209 -3.96 -4.24 53.90
C ASN B 209 -3.01 -5.02 52.99
N ASP B 210 -3.24 -4.89 51.68
CA ASP B 210 -2.42 -5.56 50.68
C ASP B 210 -2.45 -4.76 49.36
N ILE B 211 -1.44 -3.93 49.13
CA ILE B 211 -1.38 -3.10 47.91
C ILE B 211 -0.30 -3.54 46.93
N GLY B 212 0.67 -4.32 47.40
CA GLY B 212 1.76 -4.79 46.53
C GLY B 212 2.86 -3.78 46.29
N VAL B 213 3.83 -4.16 45.47
CA VAL B 213 5.00 -3.32 45.22
C VAL B 213 4.84 -2.72 43.84
N GLU B 214 5.16 -1.43 43.69
CA GLU B 214 5.06 -0.74 42.41
C GLU B 214 6.15 -1.18 41.46
N LYS B 215 5.83 -1.10 40.17
CA LYS B 215 6.78 -1.30 39.11
C LYS B 215 6.26 -0.56 37.92
N LYS B 216 7.16 0.00 37.13
CA LYS B 216 6.74 0.73 35.95
C LYS B 216 7.47 0.23 34.73
N VAL B 217 6.76 0.22 33.60
CA VAL B 217 7.33 -0.08 32.31
C VAL B 217 7.17 1.20 31.51
N GLU B 218 8.28 1.69 30.94
CA GLU B 218 8.21 2.92 30.15
C GLU B 218 8.61 2.59 28.72
N ILE B 219 7.70 2.81 27.78
CA ILE B 219 7.92 2.39 26.41
C ILE B 219 8.33 3.62 25.64
N ASP B 220 9.45 3.50 24.93
CA ASP B 220 9.94 4.56 24.07
C ASP B 220 9.33 4.34 22.68
N GLY B 221 8.42 5.22 22.28
CA GLY B 221 7.82 5.16 20.94
C GLY B 221 8.74 5.25 19.73
N ASN B 222 9.98 5.71 19.93
CA ASN B 222 10.97 5.81 18.86
C ASN B 222 11.57 4.45 18.48
N LEU B 223 11.49 3.49 19.41
CA LEU B 223 12.11 2.17 19.18
C LEU B 223 11.14 0.98 19.33
N GLU B 224 10.05 1.20 20.07
CA GLU B 224 9.33 0.11 20.69
C GLU B 224 7.85 0.42 20.70
N HIS B 225 7.02 -0.62 20.67
CA HIS B 225 5.58 -0.46 20.78
C HIS B 225 4.93 -1.73 21.33
N LEU B 226 3.92 -1.58 22.19
CA LEU B 226 3.17 -2.73 22.72
C LEU B 226 2.50 -3.50 21.60
N LYS B 227 2.77 -4.79 21.56
CA LYS B 227 2.33 -5.73 20.53
C LYS B 227 1.31 -6.68 21.15
N SER B 228 1.52 -6.98 22.44
CA SER B 228 0.86 -8.14 23.05
C SER B 228 1.07 -8.26 24.56
N ILE B 229 0.36 -9.20 25.18
CA ILE B 229 0.61 -9.56 26.57
C ILE B 229 0.60 -11.08 26.77
N SER B 230 1.13 -11.53 27.90
CA SER B 230 1.00 -12.90 28.34
C SER B 230 1.03 -12.87 29.85
N GLY B 231 0.78 -14.02 30.47
CA GLY B 231 0.90 -14.08 31.91
C GLY B 231 0.33 -15.34 32.49
N THR B 232 -0.28 -15.19 33.66
CA THR B 232 -0.70 -16.32 34.43
C THR B 232 -1.88 -15.87 35.29
N TYR B 233 -2.79 -16.79 35.55
CA TYR B 233 -3.88 -16.53 36.49
C TYR B 233 -4.19 -17.81 37.26
N GLY B 234 -4.74 -17.66 38.45
CA GLY B 234 -5.11 -18.81 39.28
C GLY B 234 -5.39 -18.29 40.68
N ASN B 235 -5.30 -19.17 41.68
CA ASN B 235 -5.73 -18.79 43.03
C ASN B 235 -4.84 -17.78 43.78
N TYR B 236 -5.49 -16.77 44.37
CA TYR B 236 -4.88 -15.83 45.30
C TYR B 236 -5.86 -15.56 46.43
N LYS B 237 -5.46 -15.92 47.66
CA LYS B 237 -6.30 -15.80 48.86
C LYS B 237 -7.75 -16.16 48.63
N GLY B 238 -8.00 -17.26 47.93
CA GLY B 238 -9.37 -17.71 47.67
C GLY B 238 -10.02 -17.16 46.40
N PHE B 239 -9.38 -16.18 45.74
CA PHE B 239 -9.93 -15.56 44.54
C PHE B 239 -9.21 -16.03 43.31
N GLU B 240 -9.92 -16.10 42.19
CA GLU B 240 -9.30 -16.40 40.92
C GLU B 240 -8.97 -15.11 40.20
N VAL B 241 -7.67 -14.78 40.13
CA VAL B 241 -7.22 -13.49 39.62
C VAL B 241 -5.97 -13.61 38.77
N VAL B 242 -5.59 -12.52 38.09
CA VAL B 242 -4.32 -12.51 37.34
C VAL B 242 -3.15 -12.54 38.34
N THR B 243 -2.24 -13.51 38.21
CA THR B 243 -1.11 -13.65 39.13
C THR B 243 0.23 -13.13 38.58
N SER B 244 0.39 -13.14 37.25
CA SER B 244 1.56 -12.52 36.60
C SER B 244 1.20 -11.95 35.24
N LEU B 245 1.89 -10.88 34.84
CA LEU B 245 1.76 -10.31 33.50
C LEU B 245 3.13 -9.97 32.93
N SER B 246 3.26 -10.20 31.62
CA SER B 246 4.34 -9.64 30.82
C SER B 246 3.74 -8.81 29.69
N PHE B 247 4.49 -7.77 29.29
CA PHE B 247 4.13 -6.87 28.23
C PHE B 247 5.12 -7.03 27.08
N ILE B 248 4.62 -7.50 25.94
CA ILE B 248 5.46 -7.86 24.84
C ILE B 248 5.48 -6.77 23.76
N THR B 249 6.67 -6.31 23.43
CA THR B 249 6.82 -5.33 22.36
C THR B 249 7.56 -5.96 21.18
N ASN B 250 7.79 -5.16 20.13
CA ASN B 250 8.58 -5.60 18.99
C ASN B 250 10.04 -5.84 19.39
N VAL B 251 10.43 -5.27 20.52
CA VAL B 251 11.83 -5.23 20.89
C VAL B 251 12.15 -6.21 21.99
N THR B 252 11.17 -6.48 22.85
CA THR B 252 11.41 -7.35 24.00
C THR B 252 10.17 -7.67 24.84
N LYS B 253 10.38 -8.50 25.85
CA LYS B 253 9.36 -8.89 26.79
C LYS B 253 9.69 -8.16 28.10
N HIS B 254 8.78 -7.30 28.56
CA HIS B 254 8.88 -6.66 29.87
C HIS B 254 8.06 -7.45 30.89
N GLY B 255 8.76 -8.01 31.87
CA GLY B 255 8.16 -8.85 32.92
C GLY B 255 8.94 -10.13 33.14
N PRO B 256 8.38 -11.11 33.88
CA PRO B 256 7.00 -11.07 34.38
C PRO B 256 6.86 -10.22 35.66
N PHE B 257 5.69 -9.63 35.87
CA PHE B 257 5.39 -8.97 37.14
C PHE B 257 4.41 -9.84 37.89
N GLY B 258 4.46 -9.78 39.22
CA GLY B 258 3.74 -10.75 40.04
C GLY B 258 4.50 -12.07 40.02
N ILE B 259 3.86 -13.17 40.43
CA ILE B 259 4.49 -14.49 40.36
C ILE B 259 3.69 -15.42 39.45
N ALA B 260 4.40 -16.13 38.58
CA ALA B 260 3.76 -17.07 37.66
C ALA B 260 3.20 -18.29 38.40
N SER B 261 1.89 -18.37 38.54
CA SER B 261 1.26 -19.53 39.18
C SER B 261 -0.05 -19.75 38.49
N GLY B 262 -0.48 -21.01 38.44
CA GLY B 262 -1.80 -21.35 37.90
C GLY B 262 -1.74 -21.67 36.42
N THR B 263 -2.64 -21.05 35.66
CA THR B 263 -2.73 -21.32 34.23
C THR B 263 -2.09 -20.16 33.48
N SER B 264 -1.12 -20.48 32.64
CA SER B 264 -0.45 -19.45 31.85
C SER B 264 -1.24 -19.20 30.57
N PHE B 265 -1.08 -18.01 30.00
CA PHE B 265 -1.80 -17.64 28.75
C PHE B 265 -0.90 -16.77 27.90
N SER B 266 -1.13 -16.78 26.60
CA SER B 266 -0.48 -15.84 25.66
C SER B 266 -1.29 -15.81 24.38
N ILE B 267 -0.90 -14.95 23.51
CA ILE B 267 -1.55 -14.82 22.21
C ILE B 267 -0.53 -14.49 21.11
N PRO B 268 -0.35 -15.46 20.22
CA PRO B 268 0.68 -15.28 19.18
C PRO B 268 0.17 -14.37 18.06
N ILE B 269 0.41 -13.07 18.22
CA ILE B 269 0.01 -12.12 17.22
C ILE B 269 1.20 -11.37 16.72
N GLU B 270 1.14 -10.92 15.46
CA GLU B 270 2.14 -10.04 14.82
C GLU B 270 1.36 -8.99 14.04
N GLY B 271 1.98 -7.84 13.82
CA GLY B 271 1.37 -6.72 13.11
C GLY B 271 0.38 -5.96 13.96
N SER B 272 0.47 -6.09 15.28
CA SER B 272 -0.54 -5.50 16.13
C SER B 272 0.00 -4.38 16.99
N LEU B 273 -0.84 -3.39 17.26
CA LEU B 273 -0.49 -2.37 18.25
C LEU B 273 -1.58 -2.47 19.27
N VAL B 274 -1.24 -2.76 20.52
CA VAL B 274 -2.20 -2.72 21.62
C VAL B 274 -2.68 -1.29 21.83
N THR B 275 -3.98 -1.06 21.71
CA THR B 275 -4.53 0.30 21.84
C THR B 275 -5.50 0.40 23.00
N GLY B 276 -5.58 -0.66 23.79
CA GLY B 276 -6.44 -0.64 24.98
C GLY B 276 -6.53 -1.90 25.80
N PHE B 277 -7.31 -1.84 26.87
CA PHE B 277 -7.46 -2.98 27.76
C PHE B 277 -8.90 -3.03 28.27
N HIS B 278 -9.35 -4.22 28.64
CA HIS B 278 -10.65 -4.37 29.23
C HIS B 278 -10.60 -5.55 30.16
N GLY B 279 -11.52 -5.56 31.10
CA GLY B 279 -11.61 -6.65 32.04
C GLY B 279 -12.38 -6.22 33.26
N LYS B 280 -12.07 -6.88 34.37
CA LYS B 280 -12.78 -6.62 35.60
C LYS B 280 -11.80 -6.66 36.74
N SER B 281 -12.09 -5.89 37.78
CA SER B 281 -11.22 -5.89 38.93
C SER B 281 -11.99 -5.60 40.21
N GLY B 282 -11.29 -5.71 41.35
CA GLY B 282 -11.86 -5.36 42.64
C GLY B 282 -10.69 -5.08 43.55
N TYR B 283 -10.57 -5.86 44.63
CA TYR B 283 -9.37 -5.85 45.49
C TYR B 283 -8.13 -6.04 44.65
N TYR B 284 -8.18 -7.00 43.72
CA TYR B 284 -7.08 -7.31 42.80
C TYR B 284 -7.54 -7.26 41.34
N LEU B 285 -6.61 -7.56 40.43
CA LEU B 285 -6.92 -7.65 39.00
C LEU B 285 -7.46 -9.05 38.71
N ASP B 286 -8.78 -9.20 38.66
CA ASP B 286 -9.43 -10.50 38.32
C ASP B 286 -9.16 -11.01 36.91
N SER B 287 -9.30 -10.13 35.92
CA SER B 287 -9.08 -10.49 34.51
C SER B 287 -8.69 -9.29 33.66
N ILE B 288 -7.97 -9.58 32.58
CA ILE B 288 -7.53 -8.55 31.66
C ILE B 288 -7.44 -9.05 30.23
N GLY B 289 -7.85 -8.19 29.29
CA GLY B 289 -7.85 -8.48 27.87
C GLY B 289 -7.32 -7.24 27.14
N ILE B 290 -6.97 -7.41 25.86
CA ILE B 290 -6.47 -6.32 25.06
C ILE B 290 -7.34 -5.98 23.84
N TYR B 291 -7.27 -4.71 23.45
CA TYR B 291 -7.74 -4.26 22.16
C TYR B 291 -6.50 -4.04 21.33
N VAL B 292 -6.63 -4.25 20.04
CA VAL B 292 -5.49 -4.29 19.21
C VAL B 292 -5.92 -3.73 17.86
N LYS B 293 -5.00 -3.06 17.20
CA LYS B 293 -5.27 -2.48 15.90
C LYS B 293 -4.14 -2.92 14.94
N PRO B 294 -4.45 -3.16 13.66
CA PRO B 294 -3.37 -3.42 12.69
C PRO B 294 -2.49 -2.19 12.54
N ARG B 295 -1.18 -2.35 12.65
CA ARG B 295 -0.26 -1.30 12.20
C ARG B 295 -0.39 -1.24 10.69
N ASP B 296 -0.19 -0.07 10.06
CA ASP B 296 -0.33 -0.02 8.57
C ASP B 296 0.99 -0.04 7.81
N VAL B 297 0.84 -0.55 7.06
CA VAL B 297 1.60 -0.59 5.88
C VAL B 297 0.89 0.59 5.19
N GLU B 298 1.61 1.69 5.30
CA GLU B 298 1.22 2.99 4.85
C GLU B 298 1.78 3.84 5.95
N GLY B 299 1.91 4.11 5.85
CA GLY B 299 2.36 5.26 6.64
C GLY B 299 1.45 6.48 6.50
N SER B 300 1.63 7.40 7.44
CA SER B 300 0.84 8.62 7.52
C SER B 300 1.80 9.74 7.40
N ILE B 301 1.42 10.76 6.65
CA ILE B 301 2.22 11.95 6.59
C ILE B 301 1.71 12.94 7.61
N SER B 302 2.63 13.61 8.28
CA SER B 302 2.31 14.60 9.29
C SER B 302 2.57 16.00 8.71
N ILE B 303 1.57 16.87 8.79
CA ILE B 303 1.65 18.26 8.34
C ILE B 303 1.38 19.19 9.51
N GLY B 304 2.17 20.24 9.64
CA GLY B 304 2.00 21.14 10.79
C GLY B 304 2.82 20.65 11.95
N PRO B 305 2.50 21.08 13.18
CA PRO B 305 1.33 21.91 13.49
C PRO B 305 1.57 23.40 13.26
N TRP B 306 0.51 24.18 13.13
CA TRP B 306 0.60 25.64 13.13
C TRP B 306 0.19 26.19 14.47
N GLY B 307 0.83 27.27 14.87
CA GLY B 307 0.36 28.04 16.00
C GLY B 307 1.41 28.36 17.03
N GLY B 308 0.96 28.64 18.23
CA GLY B 308 1.86 29.06 19.29
C GLY B 308 2.74 27.90 19.67
N SER B 309 3.75 28.16 20.46
CA SER B 309 4.72 27.12 20.72
C SER B 309 4.71 26.64 22.17
N GLY B 310 3.74 27.09 22.95
CA GLY B 310 3.47 26.46 24.26
C GLY B 310 2.55 25.24 24.20
N GLY B 311 2.17 24.73 25.37
CA GLY B 311 1.28 23.58 25.46
C GLY B 311 2.03 22.28 25.43
N ASP B 312 1.41 21.24 25.97
CA ASP B 312 1.95 19.89 25.92
C ASP B 312 1.57 19.17 24.61
N PRO B 313 2.49 18.38 24.04
CA PRO B 313 2.20 17.72 22.74
C PRO B 313 1.09 16.70 22.92
N TRP B 314 0.21 16.62 21.94
CA TRP B 314 -0.87 15.63 21.97
C TRP B 314 -1.09 15.12 20.54
N SER B 315 -1.64 13.92 20.41
CA SER B 315 -2.01 13.45 19.11
C SER B 315 -3.16 12.44 19.19
N TYR B 316 -3.91 12.34 18.08
CA TYR B 316 -5.06 11.45 17.98
C TYR B 316 -5.17 10.91 16.57
N THR B 317 -5.14 9.59 16.44
CA THR B 317 -5.33 8.95 15.17
C THR B 317 -6.58 8.11 15.26
N ALA B 318 -7.51 8.30 14.33
CA ALA B 318 -8.73 7.47 14.29
C ALA B 318 -8.36 5.99 14.15
N ASN B 319 -9.09 5.16 14.90
CA ASN B 319 -9.11 3.73 14.70
C ASN B 319 -9.82 3.41 13.37
N GLU B 320 -10.84 4.20 13.04
CA GLU B 320 -11.55 4.05 11.77
C GLU B 320 -11.69 5.40 11.05
N GLY B 321 -12.83 6.07 11.14
CA GLY B 321 -12.98 7.35 10.43
C GLY B 321 -13.41 8.43 11.39
N ILE B 322 -12.75 9.61 11.30
CA ILE B 322 -13.13 10.73 12.18
C ILE B 322 -14.51 11.25 11.80
N ASN B 323 -15.34 11.32 12.80
CA ASN B 323 -16.76 11.43 12.70
C ASN B 323 -17.33 12.73 13.25
N GLN B 324 -16.63 13.22 14.26
CA GLN B 324 -17.18 14.26 15.08
C GLN B 324 -16.04 15.03 15.71
N ILE B 325 -16.14 16.35 15.63
CA ILE B 325 -15.17 17.25 16.24
C ILE B 325 -15.91 18.20 17.16
N ILE B 326 -15.48 18.23 18.41
CA ILE B 326 -16.00 19.12 19.43
C ILE B 326 -14.96 20.22 19.66
N ILE B 327 -15.34 21.47 19.33
CA ILE B 327 -14.49 22.67 19.50
C ILE B 327 -15.12 23.71 20.44
N TYR B 328 -14.51 23.91 21.60
CA TYR B 328 -14.85 25.05 22.48
C TYR B 328 -14.12 26.32 22.03
N ALA B 329 -14.88 27.40 21.76
CA ALA B 329 -14.33 28.69 21.28
C ALA B 329 -14.98 29.90 21.97
N GLY B 330 -14.21 30.98 22.02
CA GLY B 330 -14.65 32.36 22.32
C GLY B 330 -13.86 33.26 21.37
N SER B 331 -12.97 34.10 21.87
CA SER B 331 -12.16 34.89 20.91
C SER B 331 -10.92 34.14 20.38
N ASN B 332 -10.49 33.11 21.11
CA ASN B 332 -9.56 32.09 20.57
C ASN B 332 -10.15 30.68 20.67
N ILE B 333 -9.32 29.65 20.48
CA ILE B 333 -9.76 28.28 20.61
C ILE B 333 -9.30 27.73 21.96
N LYS B 334 -10.25 27.28 22.76
CA LYS B 334 -9.99 26.74 24.08
C LYS B 334 -9.59 25.27 24.10
N SER B 335 -10.29 24.47 23.30
CA SER B 335 -10.12 23.01 23.32
C SER B 335 -10.65 22.38 22.06
N VAL B 336 -10.24 21.13 21.88
CA VAL B 336 -10.61 20.39 20.72
C VAL B 336 -10.68 18.93 21.16
N ALA B 337 -11.70 18.17 20.60
CA ALA B 337 -11.96 16.76 20.90
C ALA B 337 -12.49 16.04 19.65
N PHE B 338 -12.22 14.67 19.60
CA PHE B 338 -12.60 13.93 18.40
C PHE B 338 -13.28 12.58 18.71
N LYS B 339 -14.26 12.23 17.90
CA LYS B 339 -14.89 10.91 18.01
C LYS B 339 -14.79 10.24 16.68
N ASP B 340 -14.70 8.92 16.65
CA ASP B 340 -14.67 8.22 15.37
C ASP B 340 -15.77 7.16 15.22
N THR B 341 -15.93 6.63 14.00
CA THR B 341 -17.02 5.71 13.65
C THR B 341 -16.99 4.39 14.40
N SER B 342 -15.86 4.06 15.04
CA SER B 342 -15.76 2.85 15.85
C SER B 342 -15.85 3.16 17.35
N GLY B 343 -16.24 4.38 17.69
CA GLY B 343 -16.47 4.72 19.09
C GLY B 343 -15.22 5.19 19.80
N LEU B 344 -14.14 5.41 19.07
CA LEU B 344 -12.91 5.93 19.67
C LEU B 344 -13.01 7.45 19.91
N ASP B 345 -13.14 7.82 21.17
CA ASP B 345 -13.34 9.21 21.58
C ASP B 345 -12.08 9.80 22.22
N SER B 346 -11.50 10.84 21.65
CA SER B 346 -10.30 11.45 22.29
C SER B 346 -10.59 12.09 23.64
N ALA B 347 -9.59 12.21 24.51
CA ALA B 347 -9.66 13.24 25.59
C ALA B 347 -9.81 14.67 25.02
N THR B 348 -10.11 15.61 25.91
CA THR B 348 -10.25 17.02 25.52
C THR B 348 -8.89 17.69 25.54
N PHE B 349 -8.46 18.20 24.40
CA PHE B 349 -7.15 18.87 24.33
C PHE B 349 -7.30 20.36 24.47
N GLY B 350 -6.89 20.87 25.64
CA GLY B 350 -7.14 22.26 26.03
C GLY B 350 -8.27 22.37 27.04
N GLY B 351 -8.68 23.60 27.36
CA GLY B 351 -9.81 23.82 28.27
C GLY B 351 -9.52 23.53 29.73
N VAL B 352 -8.24 23.45 30.07
CA VAL B 352 -7.81 23.14 31.43
C VAL B 352 -8.22 24.22 32.47
N ASN B 353 -8.57 25.42 32.02
CA ASN B 353 -8.96 26.49 32.94
C ASN B 353 -10.48 26.68 33.08
N PRO B 354 -11.03 26.33 34.24
CA PRO B 354 -12.50 26.38 34.44
C PRO B 354 -13.11 27.78 34.24
N LYS B 355 -12.31 28.82 34.39
CA LYS B 355 -12.83 30.19 34.27
C LYS B 355 -12.77 30.74 32.83
N ASP B 356 -12.17 29.97 31.93
CA ASP B 356 -12.10 30.35 30.52
C ASP B 356 -12.26 29.07 29.68
N THR B 357 -13.51 28.69 29.38
CA THR B 357 -13.79 27.48 28.60
C THR B 357 -14.42 27.69 27.23
N GLY B 358 -14.89 28.90 26.95
CA GLY B 358 -15.53 29.18 25.67
C GLY B 358 -16.85 28.45 25.57
N GLU B 359 -17.41 28.45 24.37
CA GLU B 359 -18.70 27.83 24.09
C GLU B 359 -18.52 26.61 23.19
N LYS B 360 -19.30 25.55 23.46
CA LYS B 360 -19.19 24.29 22.70
C LYS B 360 -19.70 24.38 21.26
N ASN B 361 -18.92 23.82 20.32
CA ASN B 361 -19.38 23.67 18.93
C ASN B 361 -19.16 22.23 18.50
N THR B 362 -19.97 21.77 17.55
CA THR B 362 -19.92 20.40 17.03
C THR B 362 -19.90 20.38 15.52
N VAL B 363 -18.94 19.65 14.96
CA VAL B 363 -18.91 19.37 13.54
C VAL B 363 -19.16 17.86 13.41
N SER B 364 -20.21 17.51 12.69
CA SER B 364 -20.62 16.14 12.47
C SER B 364 -20.38 15.81 11.03
N ILE B 365 -19.57 14.77 10.79
CA ILE B 365 -19.16 14.31 9.48
C ILE B 365 -19.79 12.94 9.18
N ASN B 366 -20.59 12.88 8.05
CA ASN B 366 -21.15 11.58 7.66
C ASN B 366 -20.14 10.62 6.96
N TRP B 367 -19.36 9.88 7.75
CA TRP B 367 -18.18 9.12 7.23
C TRP B 367 -18.68 7.72 6.84
N PRO B 368 -18.24 7.14 5.72
CA PRO B 368 -17.18 7.63 4.85
C PRO B 368 -17.61 8.42 3.61
N SER B 369 -18.91 8.64 3.37
CA SER B 369 -19.25 9.39 2.16
C SER B 369 -18.71 10.81 2.22
N GLU B 370 -18.73 11.41 3.41
CA GLU B 370 -18.03 12.67 3.70
C GLU B 370 -16.84 12.36 4.62
N TYR B 371 -15.68 12.96 4.35
CA TYR B 371 -14.49 12.75 5.19
C TYR B 371 -13.58 13.99 5.25
N LEU B 372 -12.96 14.22 6.40
CA LEU B 372 -12.09 15.39 6.60
C LEU B 372 -10.98 15.51 5.55
N THR B 373 -10.64 16.74 5.19
CA THR B 373 -9.73 17.02 4.08
C THR B 373 -8.58 18.02 4.40
N SER B 374 -8.84 18.93 5.35
CA SER B 374 -7.81 19.82 5.86
C SER B 374 -8.43 20.82 6.80
N ILE B 375 -7.54 21.63 7.37
CA ILE B 375 -7.88 22.70 8.29
C ILE B 375 -7.25 24.00 7.84
N SER B 376 -7.85 25.09 8.26
CA SER B 376 -7.26 26.41 8.05
C SER B 376 -7.65 27.28 9.22
N GLY B 377 -6.95 28.39 9.41
CA GLY B 377 -7.40 29.33 10.44
C GLY B 377 -6.43 30.46 10.67
N THR B 378 -6.34 30.87 11.93
CA THR B 378 -5.45 31.97 12.30
C THR B 378 -4.94 31.66 13.68
N TYR B 379 -3.79 32.24 13.99
CA TYR B 379 -3.25 32.24 15.34
C TYR B 379 -2.61 33.58 15.65
N GLY B 380 -2.39 33.84 16.93
CA GLY B 380 -1.99 35.16 17.35
C GLY B 380 -2.20 35.34 18.83
N GLN B 381 -2.24 36.60 19.24
CA GLN B 381 -2.34 36.89 20.65
C GLN B 381 -3.77 36.71 21.15
N TYR B 382 -3.85 36.24 22.38
CA TYR B 382 -5.10 36.20 23.10
C TYR B 382 -4.77 36.48 24.56
N LYS B 383 -5.59 37.34 25.18
CA LYS B 383 -5.35 37.83 26.53
C LYS B 383 -6.51 37.47 27.44
N PHE B 384 -6.20 36.81 28.55
CA PHE B 384 -7.20 36.66 29.56
C PHE B 384 -6.71 37.52 30.76
N LYS B 385 -5.83 36.95 31.58
CA LYS B 385 -5.21 37.69 32.66
C LYS B 385 -3.82 38.00 32.10
N ASP B 386 -3.12 36.92 31.75
CA ASP B 386 -1.93 36.95 30.92
C ASP B 386 -2.19 36.92 29.41
N VAL B 387 -1.11 37.12 28.63
CA VAL B 387 -1.12 37.04 27.17
C VAL B 387 -0.62 35.67 26.69
N PHE B 388 -1.27 35.12 25.64
CA PHE B 388 -0.90 33.81 25.09
C PHE B 388 -0.89 33.89 23.59
N THR B 389 -0.17 32.95 22.97
CA THR B 389 -0.19 32.81 21.53
C THR B 389 -0.84 31.45 21.23
N THR B 390 -2.05 31.48 20.66
CA THR B 390 -2.79 30.26 20.38
C THR B 390 -3.50 30.31 19.05
N ILE B 391 -4.08 29.18 18.67
CA ILE B 391 -4.98 29.15 17.53
C ILE B 391 -6.12 30.05 17.97
N THR B 392 -6.52 30.97 17.10
CA THR B 392 -7.54 31.90 17.52
C THR B 392 -8.78 31.66 16.73
N SER B 393 -8.62 31.31 15.46
CA SER B 393 -9.74 30.85 14.66
C SER B 393 -9.39 29.58 13.87
N LEU B 394 -10.42 28.82 13.50
CA LEU B 394 -10.21 27.49 12.94
C LEU B 394 -11.39 27.04 12.13
N SER B 395 -11.13 26.57 10.91
CA SER B 395 -12.17 25.93 10.10
C SER B 395 -11.77 24.47 9.76
N PHE B 396 -12.75 23.64 9.40
CA PHE B 396 -12.43 22.27 8.97
C PHE B 396 -12.99 22.01 7.60
N THR B 397 -12.19 21.46 6.70
CA THR B 397 -12.70 21.16 5.39
C THR B 397 -12.87 19.66 5.20
N THR B 398 -13.95 19.28 4.51
CA THR B 398 -14.18 17.91 4.09
C THR B 398 -14.26 17.90 2.58
N ASN B 399 -14.42 16.71 2.02
CA ASN B 399 -14.58 16.55 0.58
C ASN B 399 -15.88 17.18 0.12
N LEU B 400 -16.75 17.54 1.07
CA LEU B 400 -18.08 18.04 0.75
C LEU B 400 -18.30 19.50 1.12
N ALA B 401 -17.64 19.97 2.18
CA ALA B 401 -17.94 21.29 2.73
C ALA B 401 -16.87 21.85 3.68
N THR B 402 -17.15 23.03 4.20
CA THR B 402 -16.30 23.71 5.17
C THR B 402 -17.13 24.09 6.40
N TYR B 403 -16.52 23.94 7.58
CA TYR B 403 -17.20 24.16 8.86
C TYR B 403 -16.43 25.15 9.71
N GLY B 404 -17.16 26.08 10.32
CA GLY B 404 -16.57 27.21 11.00
C GLY B 404 -16.63 28.38 10.01
N PRO B 405 -15.91 29.46 10.27
CA PRO B 405 -14.85 29.54 11.29
C PRO B 405 -15.35 29.49 12.74
N PHE B 406 -14.50 29.04 13.65
CA PHE B 406 -14.74 29.09 15.06
C PHE B 406 -13.68 30.01 15.68
N GLY B 407 -14.04 30.73 16.75
CA GLY B 407 -13.16 31.71 17.39
C GLY B 407 -13.08 32.99 16.58
N LYS B 408 -12.02 33.78 16.78
CA LYS B 408 -11.82 35.04 16.04
C LYS B 408 -10.52 35.13 15.26
N ALA B 409 -10.68 35.49 13.99
CA ALA B 409 -9.55 35.75 13.13
C ALA B 409 -8.55 36.71 13.81
N SER B 410 -7.27 36.46 13.56
CA SER B 410 -6.23 37.34 14.01
C SER B 410 -5.25 37.43 12.82
N ALA B 411 -4.15 38.16 12.98
CA ALA B 411 -3.37 38.61 11.81
C ALA B 411 -2.69 37.47 11.07
N THR B 412 -2.01 36.59 11.80
CA THR B 412 -1.35 35.46 11.15
C THR B 412 -2.33 34.34 10.83
N SER B 413 -2.55 34.11 9.54
CA SER B 413 -3.41 33.03 9.10
C SER B 413 -2.60 31.84 8.57
N PHE B 414 -3.23 30.67 8.52
CA PHE B 414 -2.61 29.48 7.92
C PHE B 414 -3.62 28.65 7.15
N SER B 415 -3.12 27.93 6.15
CA SER B 415 -3.89 26.91 5.46
C SER B 415 -2.96 25.87 4.80
N ILE B 416 -3.53 24.92 4.09
CA ILE B 416 -2.74 23.91 3.40
C ILE B 416 -3.39 23.67 2.07
N PRO B 417 -2.75 24.11 0.99
CA PRO B 417 -3.30 23.86 -0.33
C PRO B 417 -3.00 22.36 -0.59
N ILE B 418 -3.98 21.48 -0.37
CA ILE B 418 -3.74 20.04 -0.41
C ILE B 418 -4.85 19.33 -1.18
N HIS B 419 -4.55 18.19 -1.80
CA HIS B 419 -5.52 17.50 -2.66
C HIS B 419 -5.19 16.03 -2.69
N ASN B 420 -6.21 15.24 -2.98
CA ASN B 420 -6.04 13.81 -3.13
C ASN B 420 -5.66 13.13 -1.79
N ASN B 421 -6.18 13.66 -0.69
CA ASN B 421 -5.87 13.15 0.63
C ASN B 421 -7.08 13.02 1.52
N MET B 422 -6.87 12.37 2.66
CA MET B 422 -7.83 12.39 3.74
C MET B 422 -7.08 12.53 5.06
N VAL B 423 -7.70 13.28 5.97
CA VAL B 423 -7.16 13.49 7.31
C VAL B 423 -7.54 12.28 8.17
N VAL B 424 -6.54 11.54 8.60
CA VAL B 424 -6.78 10.38 9.43
C VAL B 424 -6.54 10.65 10.92
N GLY B 425 -6.03 11.84 11.26
CA GLY B 425 -5.75 12.14 12.67
C GLY B 425 -5.30 13.57 12.90
N PHE B 426 -5.15 13.95 14.16
CA PHE B 426 -4.71 15.29 14.48
C PHE B 426 -3.60 15.19 15.48
N HIS B 427 -2.82 16.26 15.58
CA HIS B 427 -1.77 16.40 16.57
C HIS B 427 -1.52 17.89 16.79
N GLY B 428 -0.95 18.22 17.95
CA GLY B 428 -0.60 19.58 18.25
C GLY B 428 -0.14 19.69 19.69
N ARG B 429 -0.43 20.85 20.25
CA ARG B 429 -0.08 21.23 21.61
C ARG B 429 -1.27 21.94 22.25
N ALA B 430 -1.51 21.66 23.52
CA ALA B 430 -2.60 22.31 24.24
C ALA B 430 -2.24 22.42 25.71
N GLY B 431 -2.88 23.36 26.38
CA GLY B 431 -2.69 23.56 27.82
C GLY B 431 -4.03 24.09 28.28
N ASP B 432 -4.07 25.35 28.71
CA ASP B 432 -5.36 26.04 28.95
C ASP B 432 -6.14 26.18 27.64
N TYR B 433 -5.44 26.42 26.54
CA TYR B 433 -6.04 26.59 25.23
C TYR B 433 -5.38 25.73 24.16
N LEU B 434 -5.84 25.86 22.92
CA LEU B 434 -5.22 25.15 21.83
C LEU B 434 -4.05 25.95 21.24
N ASP B 435 -2.87 25.80 21.83
CA ASP B 435 -1.67 26.47 21.28
C ASP B 435 -1.41 26.23 19.80
N ALA B 436 -1.49 24.95 19.39
CA ALA B 436 -1.10 24.59 18.01
C ALA B 436 -1.82 23.33 17.55
N ILE B 437 -2.04 23.20 16.25
CA ILE B 437 -2.75 22.03 15.72
C ILE B 437 -2.26 21.69 14.31
N GLY B 438 -2.16 20.40 14.04
CA GLY B 438 -1.77 19.88 12.73
C GLY B 438 -2.55 18.63 12.42
N ILE B 439 -2.24 17.98 11.29
CA ILE B 439 -3.01 16.83 10.84
C ILE B 439 -2.11 15.67 10.42
N PHE B 440 -2.69 14.48 10.41
CA PHE B 440 -2.10 13.31 9.81
C PHE B 440 -2.89 13.05 8.54
N VAL B 441 -2.19 12.87 7.43
CA VAL B 441 -2.89 12.58 6.17
C VAL B 441 -2.44 11.30 5.48
N LYS B 442 -3.35 10.77 4.68
CA LYS B 442 -3.11 9.66 3.75
C LYS B 442 -3.68 9.95 2.38
N PRO B 443 -3.04 9.39 1.34
CA PRO B 443 -3.54 9.52 -0.04
C PRO B 443 -4.95 8.98 -0.20
N ASP B 444 -5.79 9.73 -0.91
CA ASP B 444 -7.09 9.31 -1.55
C ASP B 444 -8.13 10.43 -1.60
#